data_1D3C
#
_entry.id   1D3C
#
_cell.length_a   117.791
_cell.length_b   109.532
_cell.length_c   65.223
_cell.angle_alpha   90.00
_cell.angle_beta   90.00
_cell.angle_gamma   90.00
#
_symmetry.space_group_name_H-M   'P 21 21 21'
#
loop_
_entity.id
_entity.type
_entity.pdbx_description
1 polymer 'CYCLODEXTRIN GLYCOSYLTRANSFERASE'
2 branched alpha-D-glucopyranose-(1-4)-alpha-D-glucopyranose
3 branched Cyclooctakis-(1-4)-(alpha-D-glucopyranose)
4 non-polymer 'CALCIUM ION'
5 non-polymer (4S)-2-METHYL-2,4-PENTANEDIOL
6 water water
#
_entity_poly.entity_id   1
_entity_poly.type   'polypeptide(L)'
_entity_poly.pdbx_seq_one_letter_code
;APDTSVSNKQNFSTDVIYQIFTDRFSDGNPANNPTGAAFDGTCTNLRLYCGGDWQGIINKINDGYLTGMGVTAIWISQPV
ENIYSIINYSGVNNTAYHGYWARDFKKTNPAYGTIADFQNLIAAAHAKNIKVIIDFAPNHTSPASSDQPSFAENGRLYDN
GTLLGGYTNDTQNLFHHNGGTDFSTTENGIYKNLYDLADLNHNNSTVDVYLKDAIKMWLDLGIDGIRMNAVKHMPFGWQK
SFMAAVNNYKPVFTFGQWFLGVNEVSPENHKFANESGMSLLDFRFAQKVRQVFRDNTDNMYGLKAMLEGSAADYAQVDDQ
VTFIDNHDMERFHASNANRRKLEQALAFTLTSRGVPAIYYGTEQYMSGGTDPDNRARIPSFSTSTTAYQVIQKLAPLRKC
NPAIAYGSTQERWINNDVLIYERKFGSNVAVVAVNRNLNAPASISGLVTSLPQGSYNDVLGGLLNGNTLSVGSGGAASNF
TLAAGGTAVWQYTAATATPTIGHVGPMMAKPGVTITIDGRGFGSSKGTVYFGTTAVSGADITSWEDTQIKVKIPAVAGGN
YNIKVANAAGTASNVYDNFEVLSGDQVSVRFVVNNATTALGQNVYLTGSVSELGNWDPAKAIGPMYNQVVYQYPNWYYDV
SVPAGKTIEFKFLKKQGSTVTWEGGSNHTFTAPSSGTATINVNWQP
;
_entity_poly.pdbx_strand_id   A
#
loop_
_chem_comp.id
_chem_comp.type
_chem_comp.name
_chem_comp.formula
CA non-polymer 'CALCIUM ION' 'Ca 2'
GLC D-saccharide, alpha linking alpha-D-glucopyranose 'C6 H12 O6'
MPD non-polymer (4S)-2-METHYL-2,4-PENTANEDIOL 'C6 H14 O2'
#
# COMPACT_ATOMS: atom_id res chain seq x y z
N ALA A 1 15.13 15.22 11.80
CA ALA A 1 15.57 14.97 10.43
C ALA A 1 14.54 15.51 9.44
N PRO A 2 14.96 15.66 8.19
CA PRO A 2 14.10 16.17 7.15
C PRO A 2 13.13 15.09 6.62
N ASP A 3 12.15 15.53 5.84
CA ASP A 3 11.13 14.63 5.31
C ASP A 3 11.71 13.44 4.55
N THR A 4 12.84 13.64 3.89
CA THR A 4 13.48 12.59 3.09
C THR A 4 14.35 11.63 3.91
N SER A 5 14.38 11.79 5.22
CA SER A 5 15.21 10.95 6.08
C SER A 5 14.72 9.51 6.16
N VAL A 6 15.67 8.57 6.25
CA VAL A 6 15.34 7.17 6.36
C VAL A 6 14.52 6.91 7.62
N SER A 7 14.57 7.85 8.55
CA SER A 7 13.86 7.71 9.81
C SER A 7 12.36 8.03 9.70
N ASN A 8 11.95 8.55 8.55
CA ASN A 8 10.55 8.90 8.32
C ASN A 8 9.69 7.67 7.97
N LYS A 9 9.17 7.00 9.00
CA LYS A 9 8.35 5.80 8.78
C LYS A 9 6.94 6.10 8.24
N GLN A 10 6.51 7.36 8.32
CA GLN A 10 5.16 7.72 7.89
C GLN A 10 5.01 8.20 6.43
N ASN A 11 6.12 8.33 5.71
CA ASN A 11 6.09 8.86 4.38
C ASN A 11 7.07 8.12 3.49
N PHE A 12 6.56 7.53 2.41
CA PHE A 12 7.40 6.80 1.47
C PHE A 12 7.34 7.44 0.09
N SER A 13 6.64 8.56 -0.02
CA SER A 13 6.48 9.23 -1.30
C SER A 13 7.80 9.74 -1.89
N THR A 14 8.82 9.96 -1.05
CA THR A 14 10.13 10.40 -1.53
C THR A 14 11.05 9.21 -1.74
N ASP A 15 10.53 8.00 -1.56
CA ASP A 15 11.33 6.81 -1.71
C ASP A 15 11.01 6.02 -2.96
N VAL A 16 11.85 5.04 -3.23
CA VAL A 16 11.65 4.10 -4.31
C VAL A 16 11.83 2.70 -3.73
N ILE A 17 10.75 1.93 -3.73
CA ILE A 17 10.76 0.59 -3.16
C ILE A 17 11.24 -0.44 -4.14
N TYR A 18 12.01 -1.40 -3.63
CA TYR A 18 12.51 -2.51 -4.42
C TYR A 18 11.91 -3.78 -3.78
N GLN A 19 10.93 -4.39 -4.46
CA GLN A 19 10.27 -5.58 -3.92
C GLN A 19 11.10 -6.83 -4.11
N ILE A 20 11.50 -7.41 -2.98
CA ILE A 20 12.35 -8.57 -3.00
C ILE A 20 11.69 -9.89 -2.61
N PHE A 21 11.83 -10.88 -3.48
CA PHE A 21 11.38 -12.23 -3.17
C PHE A 21 12.60 -12.84 -2.50
N THR A 22 12.62 -12.72 -1.17
CA THR A 22 13.76 -13.15 -0.34
C THR A 22 14.50 -14.39 -0.80
N ASP A 23 13.75 -15.42 -1.14
CA ASP A 23 14.34 -16.69 -1.57
C ASP A 23 15.04 -16.64 -2.93
N ARG A 24 14.65 -15.68 -3.76
CA ARG A 24 15.18 -15.59 -5.11
C ARG A 24 16.16 -14.43 -5.34
N PHE A 25 16.57 -13.77 -4.26
CA PHE A 25 17.48 -12.64 -4.39
C PHE A 25 18.95 -13.03 -4.20
N SER A 26 19.32 -13.41 -2.98
CA SER A 26 20.71 -13.81 -2.73
C SER A 26 20.83 -14.68 -1.48
N ASP A 27 21.43 -15.85 -1.66
CA ASP A 27 21.65 -16.78 -0.56
C ASP A 27 22.93 -16.37 0.15
N GLY A 28 22.80 -15.53 1.17
CA GLY A 28 23.95 -15.04 1.91
C GLY A 28 24.44 -16.03 2.96
N ASN A 29 23.60 -17.01 3.29
CA ASN A 29 23.98 -18.00 4.30
C ASN A 29 23.48 -19.39 3.95
N PRO A 30 24.33 -20.17 3.31
CA PRO A 30 23.98 -21.53 2.89
C PRO A 30 23.62 -22.44 4.06
N ALA A 31 24.07 -22.09 5.26
CA ALA A 31 23.82 -22.90 6.44
C ALA A 31 22.34 -22.98 6.85
N ASN A 32 21.54 -22.01 6.42
CA ASN A 32 20.13 -22.02 6.77
C ASN A 32 19.24 -22.52 5.64
N ASN A 33 19.85 -23.02 4.57
CA ASN A 33 19.08 -23.53 3.43
C ASN A 33 18.32 -24.77 3.85
N PRO A 34 17.08 -24.90 3.40
CA PRO A 34 16.33 -26.11 3.66
C PRO A 34 17.06 -27.21 2.91
N THR A 35 16.66 -28.44 3.13
CA THR A 35 17.35 -29.54 2.49
C THR A 35 16.42 -30.52 1.79
N GLY A 36 17.02 -31.48 1.10
CA GLY A 36 16.27 -32.52 0.41
C GLY A 36 15.25 -32.00 -0.59
N ALA A 37 14.10 -32.69 -0.65
CA ALA A 37 13.03 -32.35 -1.57
C ALA A 37 12.50 -30.93 -1.39
N ALA A 38 12.89 -30.28 -0.32
CA ALA A 38 12.44 -28.92 -0.07
C ALA A 38 13.43 -27.91 -0.59
N PHE A 39 14.44 -28.38 -1.30
CA PHE A 39 15.48 -27.49 -1.76
C PHE A 39 16.06 -27.77 -3.14
N ASP A 40 16.37 -26.69 -3.86
CA ASP A 40 17.02 -26.78 -5.15
C ASP A 40 18.00 -25.60 -5.32
N GLY A 41 19.24 -25.84 -4.92
CA GLY A 41 20.28 -24.83 -4.97
C GLY A 41 20.45 -24.17 -6.33
N THR A 42 20.20 -24.92 -7.40
CA THR A 42 20.37 -24.35 -8.74
C THR A 42 19.17 -23.50 -9.14
N CYS A 43 18.17 -23.43 -8.26
CA CYS A 43 16.96 -22.68 -8.51
C CYS A 43 16.38 -22.96 -9.89
N THR A 44 16.27 -24.23 -10.23
CA THR A 44 15.68 -24.62 -11.51
C THR A 44 14.21 -24.95 -11.27
N ASN A 45 13.93 -25.61 -10.14
CA ASN A 45 12.56 -25.93 -9.75
C ASN A 45 12.06 -24.74 -8.95
N LEU A 46 11.34 -23.86 -9.61
CA LEU A 46 10.89 -22.62 -9.03
C LEU A 46 9.81 -22.72 -7.94
N ARG A 47 9.49 -23.93 -7.52
CA ARG A 47 8.50 -24.09 -6.46
C ARG A 47 9.13 -24.52 -5.14
N LEU A 48 10.44 -24.76 -5.15
CA LEU A 48 11.15 -25.16 -3.94
C LEU A 48 12.02 -24.00 -3.45
N TYR A 49 12.65 -24.18 -2.30
CA TYR A 49 13.52 -23.16 -1.75
C TYR A 49 14.78 -23.10 -2.58
N CYS A 50 15.25 -21.89 -2.86
CA CYS A 50 16.46 -21.73 -3.62
C CYS A 50 17.63 -21.30 -2.73
N GLY A 51 17.31 -20.85 -1.51
CA GLY A 51 18.35 -20.50 -0.55
C GLY A 51 18.52 -19.00 -0.26
N GLY A 52 17.77 -18.17 -0.98
CA GLY A 52 17.84 -16.72 -0.77
C GLY A 52 17.44 -16.36 0.65
N ASP A 53 18.23 -15.52 1.31
CA ASP A 53 17.95 -15.16 2.69
C ASP A 53 18.23 -13.70 3.01
N TRP A 54 18.06 -13.37 4.30
CA TRP A 54 18.26 -12.03 4.79
C TRP A 54 19.72 -11.59 4.76
N GLN A 55 20.64 -12.52 5.00
CA GLN A 55 22.07 -12.19 4.96
C GLN A 55 22.47 -11.78 3.54
N GLY A 56 21.83 -12.41 2.57
CA GLY A 56 22.10 -12.10 1.17
C GLY A 56 21.64 -10.69 0.88
N ILE A 57 20.51 -10.30 1.46
CA ILE A 57 20.02 -8.94 1.28
C ILE A 57 21.00 -7.98 1.89
N ILE A 58 21.44 -8.30 3.10
CA ILE A 58 22.42 -7.48 3.80
C ILE A 58 23.66 -7.33 2.92
N ASN A 59 24.07 -8.40 2.26
CA ASN A 59 25.24 -8.36 1.41
C ASN A 59 25.07 -7.41 0.22
N LYS A 60 23.90 -7.48 -0.43
CA LYS A 60 23.65 -6.62 -1.57
C LYS A 60 23.38 -5.17 -1.15
N ILE A 61 23.08 -4.98 0.12
CA ILE A 61 22.89 -3.64 0.65
C ILE A 61 24.26 -3.04 0.91
N ASN A 62 25.19 -3.90 1.30
CA ASN A 62 26.54 -3.51 1.64
C ASN A 62 27.47 -3.38 0.44
N ASP A 63 27.14 -4.03 -0.67
CA ASP A 63 28.00 -3.97 -1.84
C ASP A 63 27.57 -2.97 -2.91
N GLY A 64 26.66 -2.08 -2.54
CA GLY A 64 26.22 -1.01 -3.42
C GLY A 64 25.21 -1.36 -4.52
N TYR A 65 24.82 -2.63 -4.65
CA TYR A 65 23.86 -2.96 -5.70
C TYR A 65 22.58 -2.15 -5.62
N LEU A 66 21.99 -2.11 -4.44
CA LEU A 66 20.74 -1.39 -4.25
C LEU A 66 20.95 0.11 -4.14
N THR A 67 21.93 0.53 -3.34
CA THR A 67 22.21 1.96 -3.18
C THR A 67 22.57 2.59 -4.51
N GLY A 68 23.44 1.92 -5.26
CA GLY A 68 23.90 2.43 -6.56
C GLY A 68 22.73 2.65 -7.53
N MET A 69 21.64 1.93 -7.31
CA MET A 69 20.47 2.01 -8.18
C MET A 69 19.54 3.15 -7.77
N GLY A 70 19.68 3.63 -6.54
CA GLY A 70 18.85 4.71 -6.04
C GLY A 70 17.66 4.19 -5.24
N VAL A 71 17.70 2.89 -4.92
CA VAL A 71 16.63 2.28 -4.13
C VAL A 71 16.76 2.77 -2.69
N THR A 72 15.68 3.24 -2.10
CA THR A 72 15.73 3.75 -0.73
C THR A 72 14.82 3.00 0.23
N ALA A 73 14.26 1.90 -0.25
CA ALA A 73 13.38 1.09 0.57
C ALA A 73 13.23 -0.27 -0.05
N ILE A 74 13.07 -1.28 0.78
CA ILE A 74 12.88 -2.62 0.29
C ILE A 74 11.62 -3.24 0.87
N TRP A 75 10.98 -4.10 0.10
CA TRP A 75 9.78 -4.80 0.54
C TRP A 75 10.09 -6.28 0.43
N ILE A 76 10.21 -6.95 1.58
CA ILE A 76 10.57 -8.37 1.61
C ILE A 76 9.43 -9.33 1.92
N SER A 77 9.63 -10.61 1.61
CA SER A 77 8.63 -11.64 1.86
C SER A 77 8.27 -11.65 3.34
N GLN A 78 7.08 -12.19 3.66
CA GLN A 78 6.64 -12.27 5.05
C GLN A 78 7.72 -12.97 5.87
N PRO A 79 8.12 -12.33 6.94
CA PRO A 79 9.23 -12.81 7.77
C PRO A 79 8.91 -13.91 8.78
N VAL A 80 7.63 -14.09 9.09
CA VAL A 80 7.24 -15.09 10.07
C VAL A 80 7.43 -16.54 9.63
N GLU A 81 7.52 -17.43 10.62
CA GLU A 81 7.70 -18.86 10.37
C GLU A 81 6.56 -19.43 9.51
N ASN A 82 6.93 -20.17 8.49
CA ASN A 82 5.95 -20.78 7.60
C ASN A 82 5.92 -22.28 7.88
N ILE A 83 5.00 -22.99 7.25
CA ILE A 83 4.94 -24.44 7.43
C ILE A 83 6.15 -25.05 6.73
N TYR A 84 6.57 -26.21 7.18
CA TYR A 84 7.74 -26.86 6.59
C TYR A 84 7.37 -27.96 5.62
N SER A 85 6.09 -28.19 5.44
CA SER A 85 5.69 -29.28 4.57
C SER A 85 5.88 -29.00 3.09
N ILE A 86 6.09 -30.09 2.35
CA ILE A 86 6.23 -30.01 0.91
C ILE A 86 4.90 -30.49 0.36
N ILE A 87 4.18 -29.57 -0.27
CA ILE A 87 2.85 -29.89 -0.78
C ILE A 87 2.82 -30.38 -2.21
N ASN A 88 2.22 -31.55 -2.40
CA ASN A 88 2.11 -32.13 -3.73
C ASN A 88 0.80 -31.74 -4.41
N TYR A 89 0.90 -30.81 -5.35
CA TYR A 89 -0.25 -30.33 -6.08
C TYR A 89 -0.27 -30.96 -7.47
N SER A 90 -0.82 -32.16 -7.56
CA SER A 90 -0.87 -32.88 -8.82
C SER A 90 0.52 -33.15 -9.35
N GLY A 91 1.29 -33.96 -8.63
CA GLY A 91 2.63 -34.34 -9.05
C GLY A 91 3.68 -33.25 -8.88
N VAL A 92 3.25 -32.07 -8.43
CA VAL A 92 4.18 -30.96 -8.26
C VAL A 92 4.43 -30.58 -6.80
N ASN A 93 5.67 -30.75 -6.38
CA ASN A 93 6.06 -30.44 -5.02
C ASN A 93 6.17 -28.95 -4.80
N ASN A 94 5.71 -28.50 -3.63
CA ASN A 94 5.75 -27.09 -3.30
C ASN A 94 6.23 -26.86 -1.88
N THR A 95 6.74 -25.66 -1.64
CA THR A 95 7.21 -25.28 -0.33
C THR A 95 6.77 -23.82 -0.09
N ALA A 96 6.97 -23.33 1.12
CA ALA A 96 6.56 -21.98 1.45
C ALA A 96 7.66 -20.94 1.21
N TYR A 97 8.48 -21.19 0.19
CA TYR A 97 9.58 -20.27 -0.13
C TYR A 97 9.09 -18.82 -0.27
N HIS A 98 7.83 -18.67 -0.68
CA HIS A 98 7.23 -17.36 -0.89
C HIS A 98 6.81 -16.68 0.43
N GLY A 99 6.79 -17.45 1.51
CA GLY A 99 6.46 -16.94 2.85
C GLY A 99 4.98 -16.60 3.12
N TYR A 100 4.09 -17.09 2.26
CA TYR A 100 2.66 -16.79 2.40
C TYR A 100 1.83 -17.81 3.22
N TRP A 101 2.47 -18.90 3.62
CA TRP A 101 1.79 -19.94 4.40
C TRP A 101 2.27 -19.90 5.85
N ALA A 102 1.79 -18.93 6.59
CA ALA A 102 2.22 -18.75 7.97
C ALA A 102 1.78 -19.86 8.92
N ARG A 103 2.56 -20.04 9.98
CA ARG A 103 2.23 -21.00 11.02
C ARG A 103 2.43 -20.33 12.40
N ASP A 104 3.35 -19.37 12.47
CA ASP A 104 3.61 -18.64 13.71
C ASP A 104 4.06 -17.21 13.42
N PHE A 105 3.16 -16.26 13.65
CA PHE A 105 3.42 -14.85 13.37
C PHE A 105 4.39 -14.20 14.35
N LYS A 106 4.79 -14.94 15.37
CA LYS A 106 5.71 -14.39 16.37
C LYS A 106 7.12 -14.94 16.24
N LYS A 107 7.36 -15.71 15.18
CA LYS A 107 8.68 -16.28 14.96
C LYS A 107 9.13 -16.00 13.52
N THR A 108 10.41 -16.22 13.25
CA THR A 108 10.94 -15.99 11.91
C THR A 108 10.95 -17.26 11.10
N ASN A 109 11.07 -17.09 9.79
CA ASN A 109 11.18 -18.22 8.89
C ASN A 109 12.66 -18.54 8.86
N PRO A 110 13.03 -19.65 9.50
CA PRO A 110 14.44 -20.05 9.61
C PRO A 110 15.19 -19.98 8.28
N ALA A 111 14.49 -20.31 7.20
CA ALA A 111 15.12 -20.29 5.89
C ALA A 111 15.66 -18.90 5.59
N TYR A 112 14.88 -17.89 5.96
CA TYR A 112 15.27 -16.50 5.75
C TYR A 112 16.36 -16.09 6.74
N GLY A 113 16.16 -16.43 8.01
CA GLY A 113 17.12 -16.09 9.04
C GLY A 113 16.50 -16.15 10.43
N THR A 114 17.28 -15.76 11.43
CA THR A 114 16.81 -15.74 12.80
C THR A 114 16.36 -14.34 13.16
N ILE A 115 15.90 -14.16 14.40
CA ILE A 115 15.50 -12.86 14.88
C ILE A 115 16.68 -11.91 14.79
N ALA A 116 17.84 -12.41 15.18
CA ALA A 116 19.08 -11.63 15.15
C ALA A 116 19.40 -11.24 13.71
N ASP A 117 19.24 -12.18 12.79
CA ASP A 117 19.47 -11.90 11.38
C ASP A 117 18.57 -10.76 10.94
N PHE A 118 17.31 -10.82 11.35
CA PHE A 118 16.35 -9.76 11.01
C PHE A 118 16.81 -8.43 11.57
N GLN A 119 17.28 -8.44 12.81
CA GLN A 119 17.74 -7.23 13.45
C GLN A 119 18.93 -6.66 12.68
N ASN A 120 19.84 -7.53 12.27
CA ASN A 120 21.01 -7.12 11.50
C ASN A 120 20.59 -6.51 10.17
N LEU A 121 19.58 -7.11 9.55
CA LEU A 121 19.08 -6.62 8.27
C LEU A 121 18.53 -5.20 8.42
N ILE A 122 17.84 -4.96 9.53
CA ILE A 122 17.27 -3.64 9.81
C ILE A 122 18.38 -2.61 10.00
N ALA A 123 19.40 -2.99 10.74
CA ALA A 123 20.53 -2.12 11.02
C ALA A 123 21.34 -1.82 9.76
N ALA A 124 21.60 -2.86 8.97
CA ALA A 124 22.37 -2.71 7.73
C ALA A 124 21.62 -1.81 6.75
N ALA A 125 20.30 -1.98 6.67
CA ALA A 125 19.49 -1.18 5.77
C ALA A 125 19.51 0.28 6.21
N HIS A 126 19.09 0.53 7.44
CA HIS A 126 19.05 1.88 7.96
C HIS A 126 20.41 2.57 7.83
N ALA A 127 21.48 1.79 7.92
CA ALA A 127 22.82 2.35 7.80
C ALA A 127 23.10 2.85 6.37
N LYS A 128 22.33 2.36 5.40
CA LYS A 128 22.51 2.77 4.02
C LYS A 128 21.32 3.61 3.54
N ASN A 129 20.58 4.16 4.50
CA ASN A 129 19.41 4.98 4.21
C ASN A 129 18.33 4.20 3.49
N ILE A 130 18.24 2.92 3.82
CA ILE A 130 17.24 2.03 3.22
C ILE A 130 16.18 1.62 4.25
N LYS A 131 14.91 1.93 3.95
CA LYS A 131 13.79 1.57 4.84
C LYS A 131 13.38 0.12 4.59
N VAL A 132 12.85 -0.54 5.63
CA VAL A 132 12.44 -1.93 5.48
C VAL A 132 10.94 -2.14 5.61
N ILE A 133 10.34 -2.65 4.53
CA ILE A 133 8.92 -2.97 4.52
C ILE A 133 8.79 -4.48 4.55
N ILE A 134 7.86 -4.97 5.34
CA ILE A 134 7.63 -6.38 5.41
C ILE A 134 6.24 -6.74 4.94
N ASP A 135 6.13 -7.91 4.32
CA ASP A 135 4.85 -8.42 3.92
C ASP A 135 4.23 -8.99 5.19
N PHE A 136 2.91 -8.92 5.29
CA PHE A 136 2.20 -9.46 6.45
C PHE A 136 0.86 -9.96 5.95
N ALA A 137 0.59 -11.25 6.15
CA ALA A 137 -0.65 -11.86 5.66
C ALA A 137 -1.48 -12.50 6.77
N PRO A 138 -2.25 -11.68 7.46
CA PRO A 138 -3.08 -12.16 8.56
C PRO A 138 -4.43 -12.70 8.08
N ASN A 139 -4.59 -12.86 6.78
CA ASN A 139 -5.86 -13.39 6.26
C ASN A 139 -6.02 -14.85 6.55
N HIS A 140 -4.91 -15.58 6.58
CA HIS A 140 -4.97 -17.01 6.74
C HIS A 140 -3.68 -17.54 7.28
N THR A 141 -3.63 -18.85 7.51
CA THR A 141 -2.41 -19.49 7.96
C THR A 141 -1.76 -20.24 6.79
N SER A 142 -2.19 -21.47 6.54
CA SER A 142 -1.65 -22.26 5.42
C SER A 142 -2.70 -23.21 4.83
N PRO A 143 -2.34 -23.91 3.76
CA PRO A 143 -3.27 -24.83 3.10
C PRO A 143 -3.68 -25.95 4.05
N ALA A 144 -4.98 -26.26 4.07
CA ALA A 144 -5.47 -27.30 4.95
C ALA A 144 -6.59 -28.13 4.33
N SER A 145 -6.73 -29.35 4.82
CA SER A 145 -7.78 -30.23 4.36
C SER A 145 -8.79 -30.41 5.47
N SER A 146 -9.90 -29.68 5.38
CA SER A 146 -10.94 -29.76 6.37
C SER A 146 -11.44 -31.18 6.41
N ASP A 147 -11.14 -31.93 5.35
CA ASP A 147 -11.52 -33.32 5.22
C ASP A 147 -10.42 -34.21 5.80
N GLN A 148 -9.20 -34.02 5.31
CA GLN A 148 -8.05 -34.81 5.74
C GLN A 148 -7.04 -34.00 6.56
N PRO A 149 -7.01 -34.23 7.87
CA PRO A 149 -6.13 -33.50 8.78
C PRO A 149 -4.62 -33.76 8.57
N SER A 150 -4.29 -34.90 7.96
CA SER A 150 -2.89 -35.24 7.74
C SER A 150 -2.26 -34.38 6.64
N PHE A 151 -3.10 -33.63 5.92
CA PHE A 151 -2.63 -32.78 4.84
C PHE A 151 -1.87 -31.57 5.36
N ALA A 152 -0.65 -31.38 4.85
CA ALA A 152 0.19 -30.26 5.24
C ALA A 152 0.29 -30.18 6.76
N GLU A 153 0.11 -28.98 7.31
CA GLU A 153 0.14 -28.78 8.75
C GLU A 153 -1.26 -28.38 9.22
N ASN A 154 -2.27 -28.89 8.52
CA ASN A 154 -3.66 -28.66 8.86
C ASN A 154 -3.96 -27.19 9.18
N GLY A 155 -3.21 -26.29 8.55
CA GLY A 155 -3.40 -24.85 8.77
C GLY A 155 -3.20 -24.46 10.23
N ARG A 156 -2.37 -25.21 10.92
CA ARG A 156 -2.14 -24.97 12.34
C ARG A 156 -1.53 -23.62 12.67
N LEU A 157 -2.16 -22.93 13.62
CA LEU A 157 -1.67 -21.63 14.07
C LEU A 157 -1.04 -21.76 15.45
N TYR A 158 0.21 -21.33 15.53
CA TYR A 158 0.97 -21.38 16.75
C TYR A 158 1.20 -19.97 17.27
N ASP A 159 1.37 -19.85 18.57
CA ASP A 159 1.62 -18.57 19.20
C ASP A 159 2.96 -18.68 19.90
N ASN A 160 4.00 -18.22 19.23
CA ASN A 160 5.35 -18.31 19.73
C ASN A 160 5.67 -19.73 20.20
N GLY A 161 5.29 -20.71 19.39
CA GLY A 161 5.56 -22.11 19.70
C GLY A 161 4.40 -22.87 20.31
N THR A 162 3.43 -22.15 20.87
CA THR A 162 2.28 -22.78 21.50
C THR A 162 1.14 -22.96 20.52
N LEU A 163 0.76 -24.20 20.24
CA LEU A 163 -0.33 -24.46 19.31
C LEU A 163 -1.66 -23.88 19.79
N LEU A 164 -2.29 -23.07 18.96
CA LEU A 164 -3.56 -22.49 19.30
C LEU A 164 -4.68 -23.37 18.79
N GLY A 165 -4.53 -23.84 17.56
CA GLY A 165 -5.55 -24.71 16.96
C GLY A 165 -5.25 -24.96 15.49
N GLY A 166 -5.94 -25.94 14.92
CA GLY A 166 -5.76 -26.29 13.51
C GLY A 166 -7.09 -26.21 12.78
N TYR A 167 -7.07 -26.42 11.48
CA TYR A 167 -8.31 -26.34 10.71
C TYR A 167 -9.28 -27.44 11.06
N THR A 168 -8.75 -28.62 11.34
CA THR A 168 -9.56 -29.77 11.70
C THR A 168 -9.95 -29.73 13.18
N ASN A 169 -11.24 -29.93 13.48
CA ASN A 169 -11.75 -29.89 14.86
C ASN A 169 -11.67 -28.47 15.42
N ASP A 170 -12.02 -27.47 14.61
CA ASP A 170 -11.94 -26.07 15.04
C ASP A 170 -13.06 -25.68 16.00
N THR A 171 -13.03 -26.25 17.20
CA THR A 171 -14.04 -25.96 18.20
C THR A 171 -14.06 -24.49 18.61
N GLN A 172 -12.89 -23.86 18.68
CA GLN A 172 -12.85 -22.44 19.06
C GLN A 172 -13.30 -21.50 17.93
N ASN A 173 -13.35 -22.03 16.72
CA ASN A 173 -13.71 -21.24 15.55
C ASN A 173 -12.67 -20.16 15.26
N LEU A 174 -11.41 -20.58 15.31
CA LEU A 174 -10.30 -19.71 15.01
C LEU A 174 -10.34 -19.42 13.52
N PHE A 175 -10.99 -20.31 12.77
CA PHE A 175 -11.07 -20.17 11.32
C PHE A 175 -12.51 -20.12 10.80
N HIS A 176 -12.64 -19.87 9.50
CA HIS A 176 -13.93 -19.87 8.84
C HIS A 176 -14.14 -21.25 8.22
N HIS A 177 -15.39 -21.69 8.20
CA HIS A 177 -15.73 -22.97 7.61
C HIS A 177 -16.92 -22.75 6.68
N ASN A 178 -16.77 -21.77 5.80
CA ASN A 178 -17.82 -21.40 4.87
C ASN A 178 -17.50 -21.86 3.45
N GLY A 179 -16.54 -22.77 3.33
CA GLY A 179 -16.15 -23.28 2.03
C GLY A 179 -15.08 -22.40 1.38
N GLY A 180 -15.03 -22.40 0.06
CA GLY A 180 -14.06 -21.61 -0.68
C GLY A 180 -14.72 -20.53 -1.55
N THR A 181 -14.00 -19.42 -1.73
CA THR A 181 -14.52 -18.29 -2.50
C THR A 181 -14.34 -18.47 -4.00
N ASP A 182 -15.29 -17.92 -4.76
CA ASP A 182 -15.21 -17.96 -6.21
C ASP A 182 -15.00 -16.53 -6.69
N PHE A 183 -14.65 -15.65 -5.75
CA PHE A 183 -14.40 -14.26 -6.02
C PHE A 183 -15.64 -13.57 -6.65
N SER A 184 -16.79 -14.22 -6.54
CA SER A 184 -18.03 -13.70 -7.12
C SER A 184 -18.51 -12.38 -6.48
N THR A 185 -18.30 -12.24 -5.18
CA THR A 185 -18.68 -11.00 -4.48
C THR A 185 -17.62 -10.64 -3.47
N THR A 186 -17.64 -9.39 -3.02
CA THR A 186 -16.67 -8.95 -2.05
C THR A 186 -16.83 -9.75 -0.75
N GLU A 187 -18.08 -9.87 -0.30
CA GLU A 187 -18.39 -10.62 0.91
C GLU A 187 -18.01 -12.09 0.75
N ASN A 188 -18.17 -12.60 -0.47
CA ASN A 188 -17.83 -13.99 -0.77
C ASN A 188 -16.32 -14.21 -0.60
N GLY A 189 -15.53 -13.27 -1.09
CA GLY A 189 -14.07 -13.37 -1.01
C GLY A 189 -13.53 -13.10 0.40
N ILE A 190 -14.37 -12.56 1.27
CA ILE A 190 -13.94 -12.25 2.62
C ILE A 190 -14.13 -13.39 3.61
N TYR A 191 -15.34 -13.93 3.67
CA TYR A 191 -15.65 -14.97 4.64
C TYR A 191 -15.55 -16.42 4.18
N LYS A 192 -14.91 -16.64 3.04
CA LYS A 192 -14.69 -17.98 2.54
C LYS A 192 -13.20 -18.16 2.33
N ASN A 193 -12.74 -19.40 2.24
CA ASN A 193 -11.33 -19.65 2.10
C ASN A 193 -10.73 -19.17 0.79
N LEU A 194 -9.51 -18.65 0.88
CA LEU A 194 -8.77 -18.24 -0.29
C LEU A 194 -8.09 -19.51 -0.79
N TYR A 195 -8.72 -20.16 -1.77
CA TYR A 195 -8.23 -21.43 -2.27
C TYR A 195 -8.38 -22.45 -1.14
N ASP A 196 -7.30 -23.13 -0.80
CA ASP A 196 -7.36 -24.11 0.28
C ASP A 196 -6.73 -23.55 1.55
N LEU A 197 -6.50 -22.24 1.56
CA LEU A 197 -5.88 -21.59 2.70
C LEU A 197 -6.84 -21.38 3.87
N ALA A 198 -6.43 -21.85 5.05
CA ALA A 198 -7.23 -21.75 6.26
C ALA A 198 -7.58 -20.30 6.56
N ASP A 199 -8.85 -19.95 6.41
CA ASP A 199 -9.27 -18.57 6.63
C ASP A 199 -9.41 -18.22 8.10
N LEU A 200 -8.59 -17.27 8.55
CA LEU A 200 -8.64 -16.84 9.93
C LEU A 200 -9.90 -16.04 10.23
N ASN A 201 -10.46 -16.27 11.41
CA ASN A 201 -11.68 -15.60 11.83
C ASN A 201 -11.35 -14.45 12.78
N HIS A 202 -11.31 -13.25 12.23
CA HIS A 202 -10.97 -12.06 12.99
C HIS A 202 -12.01 -11.65 14.02
N ASN A 203 -13.19 -12.26 14.00
CA ASN A 203 -14.20 -11.97 15.01
C ASN A 203 -13.95 -12.86 16.24
N ASN A 204 -12.95 -13.73 16.14
CA ASN A 204 -12.55 -14.54 17.28
C ASN A 204 -11.55 -13.70 18.07
N SER A 205 -11.89 -13.42 19.33
CA SER A 205 -11.06 -12.57 20.18
C SER A 205 -9.61 -13.05 20.26
N THR A 206 -9.43 -14.36 20.37
CA THR A 206 -8.10 -14.93 20.46
C THR A 206 -7.30 -14.61 19.20
N VAL A 207 -7.96 -14.70 18.05
CA VAL A 207 -7.30 -14.42 16.77
C VAL A 207 -7.00 -12.92 16.64
N ASP A 208 -7.99 -12.10 16.92
CA ASP A 208 -7.87 -10.64 16.85
C ASP A 208 -6.71 -10.15 17.73
N VAL A 209 -6.74 -10.54 19.00
CA VAL A 209 -5.71 -10.14 19.95
C VAL A 209 -4.34 -10.71 19.60
N TYR A 210 -4.31 -11.93 19.05
CA TYR A 210 -3.06 -12.57 18.68
C TYR A 210 -2.34 -11.82 17.57
N LEU A 211 -3.06 -11.56 16.49
CA LEU A 211 -2.49 -10.87 15.34
C LEU A 211 -1.98 -9.47 15.70
N LYS A 212 -2.79 -8.72 16.44
CA LYS A 212 -2.39 -7.39 16.85
C LYS A 212 -1.13 -7.42 17.72
N ASP A 213 -1.01 -8.43 18.58
CA ASP A 213 0.18 -8.59 19.41
C ASP A 213 1.37 -8.94 18.51
N ALA A 214 1.10 -9.69 17.46
CA ALA A 214 2.15 -10.13 16.54
C ALA A 214 2.79 -8.96 15.82
N ILE A 215 1.98 -8.12 15.18
CA ILE A 215 2.51 -6.99 14.45
C ILE A 215 3.30 -6.06 15.38
N LYS A 216 2.90 -6.04 16.64
CA LYS A 216 3.58 -5.21 17.62
C LYS A 216 5.03 -5.65 17.82
N MET A 217 5.28 -6.95 17.74
CA MET A 217 6.64 -7.47 17.86
C MET A 217 7.48 -7.01 16.69
N TRP A 218 6.88 -7.04 15.50
CA TRP A 218 7.59 -6.63 14.32
C TRP A 218 7.86 -5.14 14.34
N LEU A 219 6.93 -4.38 14.89
CA LEU A 219 7.13 -2.95 15.04
C LEU A 219 8.29 -2.70 15.99
N ASP A 220 8.33 -3.46 17.08
CA ASP A 220 9.40 -3.34 18.04
C ASP A 220 10.73 -3.71 17.43
N LEU A 221 10.68 -4.53 16.38
CA LEU A 221 11.91 -4.95 15.72
C LEU A 221 12.50 -3.89 14.78
N GLY A 222 11.72 -2.84 14.50
CA GLY A 222 12.21 -1.72 13.70
C GLY A 222 11.70 -1.56 12.27
N ILE A 223 10.65 -2.29 11.91
CA ILE A 223 10.11 -2.16 10.56
C ILE A 223 9.63 -0.73 10.28
N ASP A 224 9.74 -0.32 9.02
CA ASP A 224 9.37 1.03 8.62
C ASP A 224 8.07 1.05 7.83
N GLY A 225 7.57 -0.11 7.45
CA GLY A 225 6.34 -0.17 6.68
C GLY A 225 5.77 -1.58 6.60
N ILE A 226 4.51 -1.68 6.22
CA ILE A 226 3.84 -2.97 6.10
C ILE A 226 3.11 -3.10 4.80
N ARG A 227 3.27 -4.23 4.12
CA ARG A 227 2.49 -4.50 2.93
C ARG A 227 1.49 -5.59 3.30
N MET A 228 0.24 -5.19 3.49
CA MET A 228 -0.82 -6.11 3.90
C MET A 228 -1.32 -6.98 2.75
N ASN A 229 -1.14 -8.29 2.89
CA ASN A 229 -1.56 -9.24 1.89
C ASN A 229 -3.09 -9.41 1.85
N ALA A 230 -3.61 -9.57 0.63
CA ALA A 230 -5.04 -9.82 0.39
C ALA A 230 -6.01 -9.05 1.27
N VAL A 231 -5.92 -7.73 1.27
CA VAL A 231 -6.85 -6.97 2.11
C VAL A 231 -8.30 -7.03 1.66
N LYS A 232 -8.54 -7.35 0.39
CA LYS A 232 -9.90 -7.47 -0.10
C LYS A 232 -10.52 -8.78 0.40
N HIS A 233 -9.73 -9.57 1.12
CA HIS A 233 -10.19 -10.86 1.63
C HIS A 233 -10.37 -10.89 3.14
N MET A 234 -10.26 -9.73 3.76
CA MET A 234 -10.44 -9.61 5.21
C MET A 234 -11.50 -8.54 5.47
N PRO A 235 -12.15 -8.61 6.62
CA PRO A 235 -13.18 -7.63 6.94
C PRO A 235 -12.56 -6.24 7.01
N PHE A 236 -13.16 -5.30 6.30
CA PHE A 236 -12.69 -3.95 6.23
C PHE A 236 -12.71 -3.27 7.59
N GLY A 237 -13.79 -3.52 8.34
CA GLY A 237 -13.91 -2.97 9.68
C GLY A 237 -12.80 -3.50 10.58
N TRP A 238 -12.46 -4.78 10.43
CA TRP A 238 -11.41 -5.34 11.25
C TRP A 238 -10.07 -4.73 10.93
N GLN A 239 -9.79 -4.58 9.64
CA GLN A 239 -8.52 -4.01 9.23
C GLN A 239 -8.37 -2.59 9.72
N LYS A 240 -9.47 -1.85 9.81
CA LYS A 240 -9.43 -0.50 10.34
C LYS A 240 -8.97 -0.58 11.79
N SER A 241 -9.55 -1.54 12.52
CA SER A 241 -9.20 -1.77 13.91
C SER A 241 -7.75 -2.20 14.01
N PHE A 242 -7.27 -2.90 12.99
CA PHE A 242 -5.90 -3.35 12.95
C PHE A 242 -4.97 -2.17 12.71
N MET A 243 -5.37 -1.30 11.80
CA MET A 243 -4.56 -0.13 11.50
C MET A 243 -4.51 0.83 12.71
N ALA A 244 -5.65 1.01 13.38
CA ALA A 244 -5.70 1.86 14.57
C ALA A 244 -4.71 1.33 15.60
N ALA A 245 -4.67 0.00 15.75
CA ALA A 245 -3.76 -0.63 16.69
C ALA A 245 -2.34 -0.25 16.34
N VAL A 246 -2.04 -0.24 15.05
CA VAL A 246 -0.71 0.12 14.59
C VAL A 246 -0.43 1.61 14.80
N ASN A 247 -1.36 2.46 14.32
CA ASN A 247 -1.19 3.90 14.42
C ASN A 247 -1.16 4.43 15.86
N ASN A 248 -1.93 3.79 16.74
CA ASN A 248 -1.99 4.22 18.14
C ASN A 248 -0.81 3.66 18.95
N TYR A 249 0.09 2.92 18.29
CA TYR A 249 1.27 2.36 18.95
C TYR A 249 2.54 2.91 18.31
N LYS A 250 2.86 2.38 17.14
CA LYS A 250 4.03 2.83 16.38
C LYS A 250 3.64 2.85 14.90
N PRO A 251 3.11 3.97 14.44
CA PRO A 251 2.64 4.07 13.08
C PRO A 251 3.73 3.95 12.02
N VAL A 252 3.47 3.10 11.04
CA VAL A 252 4.39 2.90 9.94
C VAL A 252 3.56 2.86 8.67
N PHE A 253 4.14 3.36 7.59
CA PHE A 253 3.47 3.38 6.30
C PHE A 253 2.95 1.98 5.97
N THR A 254 1.66 1.88 5.69
CA THR A 254 1.06 0.59 5.37
C THR A 254 0.23 0.64 4.10
N PHE A 255 0.46 -0.34 3.22
CA PHE A 255 -0.31 -0.42 1.99
C PHE A 255 -0.81 -1.84 1.78
N GLY A 256 -2.03 -1.96 1.28
CA GLY A 256 -2.65 -3.26 1.10
C GLY A 256 -2.71 -3.72 -0.34
N GLN A 257 -2.87 -5.03 -0.52
CA GLN A 257 -2.98 -5.62 -1.83
C GLN A 257 -4.43 -5.91 -2.18
N TRP A 258 -5.00 -5.08 -3.03
CA TRP A 258 -6.36 -5.23 -3.50
C TRP A 258 -6.32 -5.27 -5.02
N PHE A 259 -6.16 -6.46 -5.56
CA PHE A 259 -6.07 -6.66 -6.99
C PHE A 259 -7.20 -6.03 -7.77
N LEU A 260 -6.83 -5.45 -8.91
CA LEU A 260 -7.75 -4.83 -9.82
C LEU A 260 -7.37 -5.36 -11.20
N GLY A 261 -8.37 -5.80 -11.97
CA GLY A 261 -8.11 -6.35 -13.29
C GLY A 261 -8.04 -5.26 -14.35
N VAL A 262 -7.71 -5.66 -15.57
CA VAL A 262 -7.61 -4.72 -16.68
C VAL A 262 -8.94 -3.98 -16.86
N ASN A 263 -8.89 -2.65 -16.83
CA ASN A 263 -10.08 -1.81 -17.00
C ASN A 263 -10.98 -1.74 -15.78
N GLU A 264 -10.57 -2.36 -14.67
CA GLU A 264 -11.41 -2.32 -13.48
C GLU A 264 -11.21 -1.10 -12.60
N VAL A 265 -12.29 -0.35 -12.41
CA VAL A 265 -12.29 0.83 -11.56
C VAL A 265 -13.34 0.58 -10.49
N SER A 266 -12.90 0.38 -9.24
CA SER A 266 -13.81 0.04 -8.16
C SER A 266 -13.92 1.10 -7.05
N PRO A 267 -15.14 1.55 -6.80
CA PRO A 267 -15.42 2.52 -5.75
C PRO A 267 -15.17 1.91 -4.37
N GLU A 268 -15.36 0.61 -4.26
CA GLU A 268 -15.12 -0.08 -2.99
C GLU A 268 -13.67 0.09 -2.62
N ASN A 269 -12.83 -0.18 -3.60
CA ASN A 269 -11.39 -0.08 -3.48
C ASN A 269 -10.98 1.36 -3.09
N HIS A 270 -11.59 2.34 -3.75
CA HIS A 270 -11.33 3.74 -3.42
C HIS A 270 -11.70 4.00 -1.97
N LYS A 271 -12.89 3.54 -1.57
CA LYS A 271 -13.35 3.74 -0.20
C LYS A 271 -12.39 3.12 0.81
N PHE A 272 -11.88 1.93 0.50
CA PHE A 272 -10.96 1.24 1.40
C PHE A 272 -9.70 2.08 1.62
N ALA A 273 -9.12 2.57 0.53
CA ALA A 273 -7.92 3.38 0.60
C ALA A 273 -8.21 4.69 1.31
N ASN A 274 -9.42 5.17 1.15
CA ASN A 274 -9.80 6.45 1.73
C ASN A 274 -10.23 6.38 3.19
N GLU A 275 -10.63 5.21 3.66
CA GLU A 275 -11.14 5.13 5.03
C GLU A 275 -10.60 4.03 5.94
N SER A 276 -9.77 3.14 5.41
CA SER A 276 -9.25 2.02 6.17
C SER A 276 -8.13 2.33 7.17
N GLY A 277 -7.32 3.32 6.86
CA GLY A 277 -6.19 3.65 7.70
C GLY A 277 -4.93 3.17 7.00
N MET A 278 -5.10 2.67 5.78
CA MET A 278 -3.97 2.22 4.98
C MET A 278 -4.21 2.58 3.52
N SER A 279 -3.14 2.63 2.73
CA SER A 279 -3.27 2.92 1.33
C SER A 279 -3.30 1.60 0.56
N LEU A 280 -3.08 1.63 -0.73
CA LEU A 280 -3.16 0.42 -1.52
C LEU A 280 -2.13 0.35 -2.62
N LEU A 281 -1.92 -0.84 -3.14
CA LEU A 281 -1.05 -1.00 -4.29
C LEU A 281 -1.89 -0.50 -5.47
N ASP A 282 -1.32 0.38 -6.29
CA ASP A 282 -2.06 0.98 -7.39
C ASP A 282 -2.22 0.06 -8.58
N PHE A 283 -3.18 -0.85 -8.49
CA PHE A 283 -3.42 -1.78 -9.58
C PHE A 283 -4.02 -1.06 -10.77
N ARG A 284 -4.82 -0.03 -10.49
CA ARG A 284 -5.43 0.78 -11.53
C ARG A 284 -4.32 1.39 -12.39
N PHE A 285 -3.30 1.91 -11.70
CA PHE A 285 -2.15 2.54 -12.36
C PHE A 285 -1.34 1.49 -13.10
N ALA A 286 -1.02 0.39 -12.42
CA ALA A 286 -0.23 -0.69 -13.00
C ALA A 286 -0.89 -1.31 -14.23
N GLN A 287 -2.20 -1.54 -14.15
CA GLN A 287 -2.90 -2.18 -15.27
C GLN A 287 -2.99 -1.28 -16.50
N LYS A 288 -3.17 0.03 -16.29
CA LYS A 288 -3.23 0.96 -17.42
C LYS A 288 -1.84 1.08 -18.04
N VAL A 289 -0.81 1.05 -17.21
CA VAL A 289 0.55 1.16 -17.70
C VAL A 289 0.85 0.00 -18.63
N ARG A 290 0.46 -1.20 -18.21
CA ARG A 290 0.70 -2.39 -19.02
C ARG A 290 -0.07 -2.34 -20.34
N GLN A 291 -1.28 -1.79 -20.32
CA GLN A 291 -2.09 -1.67 -21.53
C GLN A 291 -1.41 -0.72 -22.51
N VAL A 292 -0.98 0.41 -21.98
CA VAL A 292 -0.39 1.48 -22.75
C VAL A 292 1.03 1.20 -23.23
N PHE A 293 1.89 0.70 -22.34
CA PHE A 293 3.30 0.47 -22.69
C PHE A 293 3.69 -0.99 -23.03
N ARG A 294 2.90 -1.96 -22.60
CA ARG A 294 3.26 -3.36 -22.80
C ARG A 294 2.39 -4.12 -23.81
N ASP A 295 1.07 -4.10 -23.58
CA ASP A 295 0.13 -4.84 -24.43
C ASP A 295 -0.49 -4.06 -25.59
N ASN A 296 -0.36 -2.74 -25.57
CA ASN A 296 -0.93 -1.95 -26.66
C ASN A 296 -2.46 -2.11 -26.73
N THR A 297 -3.14 -2.06 -25.59
CA THR A 297 -4.60 -2.21 -25.55
C THR A 297 -5.30 -0.90 -25.17
N ASP A 298 -4.51 0.15 -24.99
CA ASP A 298 -5.02 1.48 -24.70
C ASP A 298 -3.92 2.49 -25.00
N ASN A 299 -4.31 3.72 -25.31
CA ASN A 299 -3.35 4.74 -25.66
C ASN A 299 -3.15 5.78 -24.56
N MET A 300 -2.48 6.88 -24.90
CA MET A 300 -2.19 7.93 -23.93
C MET A 300 -3.43 8.60 -23.33
N TYR A 301 -4.56 8.55 -24.02
CA TYR A 301 -5.77 9.13 -23.48
C TYR A 301 -6.26 8.30 -22.31
N GLY A 302 -5.95 7.01 -22.35
CA GLY A 302 -6.31 6.11 -21.26
C GLY A 302 -5.42 6.41 -20.05
N LEU A 303 -4.13 6.59 -20.31
CA LEU A 303 -3.18 6.91 -19.24
C LEU A 303 -3.55 8.22 -18.59
N LYS A 304 -3.86 9.21 -19.42
CA LYS A 304 -4.28 10.51 -18.91
C LYS A 304 -5.55 10.39 -18.09
N ALA A 305 -6.51 9.60 -18.59
CA ALA A 305 -7.76 9.40 -17.87
C ALA A 305 -7.51 8.73 -16.51
N MET A 306 -6.61 7.77 -16.48
CA MET A 306 -6.29 7.08 -15.24
C MET A 306 -5.67 8.03 -14.23
N LEU A 307 -4.73 8.84 -14.70
CA LEU A 307 -4.05 9.80 -13.84
C LEU A 307 -5.02 10.83 -13.27
N GLU A 308 -5.88 11.38 -14.11
CA GLU A 308 -6.85 12.37 -13.64
C GLU A 308 -7.90 11.74 -12.73
N GLY A 309 -8.44 10.60 -13.16
CA GLY A 309 -9.46 9.90 -12.37
C GLY A 309 -8.92 9.49 -11.00
N SER A 310 -7.77 8.84 -11.00
CA SER A 310 -7.17 8.38 -9.75
C SER A 310 -6.86 9.53 -8.80
N ALA A 311 -6.43 10.66 -9.32
CA ALA A 311 -6.13 11.80 -8.48
C ALA A 311 -7.41 12.31 -7.83
N ALA A 312 -8.53 12.16 -8.52
CA ALA A 312 -9.82 12.59 -7.98
C ALA A 312 -10.51 11.54 -7.11
N ASP A 313 -10.21 10.27 -7.35
CA ASP A 313 -10.84 9.18 -6.60
C ASP A 313 -10.15 8.82 -5.29
N TYR A 314 -8.82 8.94 -5.25
CA TYR A 314 -8.06 8.62 -4.03
C TYR A 314 -7.79 9.88 -3.21
N ALA A 315 -8.28 9.90 -1.97
CA ALA A 315 -8.07 11.05 -1.09
C ALA A 315 -6.59 11.36 -0.92
N GLN A 316 -5.78 10.30 -0.88
CA GLN A 316 -4.33 10.44 -0.77
C GLN A 316 -3.68 9.64 -1.90
N VAL A 317 -3.80 10.16 -3.12
CA VAL A 317 -3.23 9.48 -4.27
C VAL A 317 -1.73 9.30 -4.12
N ASP A 318 -1.10 10.19 -3.36
CA ASP A 318 0.34 10.10 -3.17
C ASP A 318 0.77 8.98 -2.23
N ASP A 319 -0.19 8.26 -1.67
CA ASP A 319 0.13 7.15 -0.80
C ASP A 319 0.00 5.81 -1.52
N GLN A 320 -0.52 5.84 -2.73
CA GLN A 320 -0.71 4.62 -3.50
C GLN A 320 0.62 4.10 -4.06
N VAL A 321 0.89 2.82 -3.83
CA VAL A 321 2.13 2.21 -4.28
C VAL A 321 2.02 1.71 -5.71
N THR A 322 2.68 2.42 -6.61
CA THR A 322 2.63 2.10 -8.03
C THR A 322 3.62 1.02 -8.41
N PHE A 323 3.39 0.41 -9.57
CA PHE A 323 4.25 -0.65 -10.08
C PHE A 323 3.85 -1.01 -11.50
N ILE A 324 4.69 -1.82 -12.15
CA ILE A 324 4.42 -2.25 -13.52
C ILE A 324 4.32 -3.78 -13.62
N ASP A 325 4.68 -4.44 -12.53
CA ASP A 325 4.53 -5.90 -12.41
C ASP A 325 4.81 -6.40 -11.00
N ASN A 326 4.58 -7.68 -10.77
CA ASN A 326 4.85 -8.27 -9.47
C ASN A 326 4.83 -9.81 -9.54
N HIS A 327 4.91 -10.47 -8.38
CA HIS A 327 4.97 -11.92 -8.30
C HIS A 327 3.69 -12.65 -8.69
N ASP A 328 2.64 -11.91 -9.00
CA ASP A 328 1.36 -12.52 -9.38
C ASP A 328 0.95 -12.22 -10.80
N MET A 329 1.88 -11.78 -11.61
CA MET A 329 1.60 -11.52 -13.00
C MET A 329 2.81 -11.75 -13.87
N GLU A 330 2.57 -11.87 -15.18
CA GLU A 330 3.66 -12.08 -16.12
C GLU A 330 4.64 -10.95 -16.00
N ARG A 331 5.93 -11.28 -16.06
CA ARG A 331 6.95 -10.24 -15.99
C ARG A 331 6.70 -9.23 -17.11
N PHE A 332 6.80 -7.95 -16.79
CA PHE A 332 6.54 -6.90 -17.76
C PHE A 332 7.33 -7.12 -19.05
N HIS A 333 8.61 -7.43 -18.93
CA HIS A 333 9.42 -7.61 -20.13
C HIS A 333 9.21 -8.94 -20.82
N ALA A 334 8.59 -8.88 -22.00
CA ALA A 334 8.37 -10.07 -22.81
C ALA A 334 9.65 -10.45 -23.54
N SER A 335 10.00 -11.74 -23.49
CA SER A 335 11.24 -12.28 -24.08
C SER A 335 11.76 -11.61 -25.36
N ASN A 336 10.88 -11.38 -26.32
CA ASN A 336 11.27 -10.78 -27.59
C ASN A 336 10.84 -9.33 -27.77
N ALA A 337 10.28 -8.75 -26.73
CA ALA A 337 9.82 -7.36 -26.79
C ALA A 337 10.97 -6.35 -26.80
N ASN A 338 10.69 -5.15 -27.28
CA ASN A 338 11.69 -4.10 -27.31
C ASN A 338 11.90 -3.61 -25.88
N ARG A 339 13.15 -3.60 -25.42
CA ARG A 339 13.47 -3.20 -24.05
C ARG A 339 12.98 -1.80 -23.70
N ARG A 340 12.80 -0.94 -24.71
CA ARG A 340 12.37 0.43 -24.44
C ARG A 340 10.99 0.49 -23.77
N LYS A 341 10.16 -0.52 -24.03
CA LYS A 341 8.84 -0.56 -23.43
C LYS A 341 8.95 -0.61 -21.91
N LEU A 342 9.88 -1.41 -21.42
CA LEU A 342 10.11 -1.55 -19.99
C LEU A 342 10.76 -0.30 -19.44
N GLU A 343 11.74 0.23 -20.17
CA GLU A 343 12.45 1.43 -19.75
C GLU A 343 11.50 2.62 -19.61
N GLN A 344 10.55 2.73 -20.55
CA GLN A 344 9.58 3.81 -20.53
C GLN A 344 8.57 3.66 -19.39
N ALA A 345 8.09 2.44 -19.18
CA ALA A 345 7.13 2.20 -18.11
C ALA A 345 7.78 2.54 -16.78
N LEU A 346 9.04 2.15 -16.64
CA LEU A 346 9.80 2.43 -15.43
C LEU A 346 9.97 3.93 -15.23
N ALA A 347 10.43 4.61 -16.28
CA ALA A 347 10.64 6.05 -16.23
C ALA A 347 9.35 6.79 -15.87
N PHE A 348 8.23 6.31 -16.40
CA PHE A 348 6.93 6.92 -16.13
C PHE A 348 6.58 6.73 -14.67
N THR A 349 6.74 5.51 -14.19
CA THR A 349 6.41 5.16 -12.81
C THR A 349 7.25 5.97 -11.79
N LEU A 350 8.56 5.99 -12.00
CA LEU A 350 9.47 6.70 -11.09
C LEU A 350 9.23 8.20 -10.99
N THR A 351 8.61 8.78 -12.02
CA THR A 351 8.34 10.22 -12.02
C THR A 351 6.87 10.57 -11.79
N SER A 352 6.06 9.54 -11.52
CA SER A 352 4.64 9.76 -11.31
C SER A 352 4.29 9.81 -9.81
N ARG A 353 3.09 10.30 -9.53
CA ARG A 353 2.63 10.43 -8.16
C ARG A 353 2.51 9.09 -7.44
N GLY A 354 2.62 9.14 -6.11
CA GLY A 354 2.50 7.93 -5.29
C GLY A 354 3.82 7.43 -4.73
N VAL A 355 3.92 6.11 -4.60
CA VAL A 355 5.13 5.48 -4.07
C VAL A 355 5.54 4.35 -5.01
N PRO A 356 6.58 4.59 -5.80
CA PRO A 356 7.03 3.59 -6.77
C PRO A 356 7.61 2.33 -6.13
N ALA A 357 7.24 1.19 -6.72
CA ALA A 357 7.74 -0.10 -6.28
C ALA A 357 8.24 -0.87 -7.49
N ILE A 358 9.49 -1.34 -7.42
CA ILE A 358 10.12 -2.07 -8.52
C ILE A 358 10.36 -3.53 -8.17
N TYR A 359 9.72 -4.43 -8.93
CA TYR A 359 9.88 -5.86 -8.73
C TYR A 359 11.32 -6.26 -9.03
N TYR A 360 11.96 -6.92 -8.07
CA TYR A 360 13.35 -7.36 -8.20
C TYR A 360 13.63 -8.02 -9.55
N GLY A 361 14.71 -7.59 -10.20
CA GLY A 361 15.10 -8.18 -11.47
C GLY A 361 14.49 -7.45 -12.67
N THR A 362 13.57 -6.53 -12.44
CA THR A 362 12.98 -5.78 -13.55
C THR A 362 14.10 -5.09 -14.31
N GLU A 363 15.08 -4.61 -13.55
CA GLU A 363 16.22 -3.89 -14.07
C GLU A 363 17.24 -4.80 -14.79
N GLN A 364 16.98 -6.10 -14.76
CA GLN A 364 17.85 -7.05 -15.44
C GLN A 364 17.06 -7.68 -16.59
N TYR A 365 15.89 -7.09 -16.86
CA TYR A 365 14.99 -7.53 -17.92
C TYR A 365 14.56 -8.98 -17.81
N MET A 366 14.22 -9.40 -16.60
CA MET A 366 13.77 -10.77 -16.39
C MET A 366 12.38 -10.97 -17.01
N SER A 367 12.21 -12.10 -17.69
CA SER A 367 10.93 -12.45 -18.29
C SER A 367 10.42 -13.74 -17.65
N GLY A 368 9.11 -13.93 -17.68
CA GLY A 368 8.53 -15.13 -17.12
C GLY A 368 7.01 -14.99 -17.02
N GLY A 369 6.33 -16.11 -17.11
CA GLY A 369 4.89 -16.12 -17.03
C GLY A 369 4.43 -16.07 -15.58
N THR A 370 3.20 -16.48 -15.36
CA THR A 370 2.63 -16.48 -14.03
C THR A 370 3.37 -17.43 -13.10
N ASP A 371 2.93 -17.46 -11.85
CA ASP A 371 3.50 -18.32 -10.81
C ASP A 371 3.78 -19.73 -11.32
N PRO A 372 5.03 -20.16 -11.22
CA PRO A 372 6.05 -19.40 -10.53
C PRO A 372 7.14 -18.88 -11.45
N ASP A 373 6.88 -18.90 -12.75
CA ASP A 373 7.88 -18.49 -13.72
C ASP A 373 8.30 -17.03 -13.60
N ASN A 374 7.55 -16.28 -12.82
CA ASN A 374 7.83 -14.86 -12.58
C ASN A 374 8.71 -14.69 -11.34
N ARG A 375 9.10 -15.79 -10.72
CA ARG A 375 9.90 -15.74 -9.50
C ARG A 375 11.25 -16.43 -9.64
N ALA A 376 11.87 -16.33 -10.81
CA ALA A 376 13.17 -16.95 -11.02
C ALA A 376 14.24 -16.22 -10.21
N ARG A 377 15.38 -16.88 -9.96
CA ARG A 377 16.46 -16.25 -9.21
C ARG A 377 17.06 -15.14 -10.04
N ILE A 378 17.38 -14.02 -9.39
CA ILE A 378 17.98 -12.90 -10.11
C ILE A 378 19.22 -13.37 -10.88
N PRO A 379 19.22 -13.14 -12.18
CA PRO A 379 20.28 -13.63 -13.05
C PRO A 379 21.59 -12.84 -13.03
N SER A 380 21.55 -11.61 -12.56
CA SER A 380 22.76 -10.79 -12.54
C SER A 380 22.67 -9.61 -11.59
N PHE A 381 23.83 -9.09 -11.20
CA PHE A 381 23.90 -7.93 -10.33
C PHE A 381 24.66 -6.82 -11.07
N SER A 382 24.44 -6.76 -12.38
CA SER A 382 25.08 -5.77 -13.23
C SER A 382 24.44 -4.39 -13.10
N THR A 383 25.29 -3.37 -13.13
CA THR A 383 24.86 -1.99 -13.02
C THR A 383 24.89 -1.28 -14.39
N SER A 384 25.27 -2.02 -15.43
CA SER A 384 25.40 -1.45 -16.76
C SER A 384 24.16 -1.50 -17.63
N THR A 385 23.10 -2.12 -17.15
CA THR A 385 21.88 -2.21 -17.93
C THR A 385 21.26 -0.82 -18.07
N THR A 386 20.50 -0.64 -19.15
CA THR A 386 19.86 0.64 -19.40
C THR A 386 18.81 0.91 -18.32
N ALA A 387 18.03 -0.11 -18.01
CA ALA A 387 16.99 0.00 -16.98
C ALA A 387 17.59 0.34 -15.63
N TYR A 388 18.73 -0.26 -15.33
CA TYR A 388 19.40 0.02 -14.08
C TYR A 388 19.81 1.50 -14.02
N GLN A 389 20.27 2.03 -15.14
CA GLN A 389 20.67 3.43 -15.17
C GLN A 389 19.48 4.39 -15.15
N VAL A 390 18.35 3.96 -15.71
CA VAL A 390 17.17 4.81 -15.70
C VAL A 390 16.73 5.03 -14.25
N ILE A 391 16.77 3.96 -13.46
CA ILE A 391 16.38 4.02 -12.07
C ILE A 391 17.36 4.87 -11.29
N GLN A 392 18.64 4.64 -11.58
CA GLN A 392 19.72 5.36 -10.90
C GLN A 392 19.62 6.86 -11.14
N LYS A 393 19.15 7.25 -12.31
CA LYS A 393 19.02 8.65 -12.65
C LYS A 393 17.72 9.29 -12.15
N LEU A 394 16.64 8.53 -12.16
CA LEU A 394 15.33 9.05 -11.79
C LEU A 394 14.94 8.87 -10.32
N ALA A 395 15.29 7.73 -9.75
CA ALA A 395 14.92 7.43 -8.37
C ALA A 395 15.26 8.57 -7.39
N PRO A 396 16.47 9.09 -7.48
CA PRO A 396 16.90 10.16 -6.58
C PRO A 396 16.06 11.44 -6.69
N LEU A 397 15.38 11.61 -7.81
CA LEU A 397 14.57 12.80 -8.00
C LEU A 397 13.45 12.90 -6.98
N ARG A 398 13.05 11.76 -6.43
CA ARG A 398 11.98 11.75 -5.45
C ARG A 398 12.43 12.41 -4.15
N LYS A 399 13.73 12.46 -3.94
CA LYS A 399 14.29 13.08 -2.75
C LYS A 399 14.68 14.55 -3.01
N CYS A 400 15.28 14.81 -4.15
CA CYS A 400 15.73 16.16 -4.47
C CYS A 400 14.70 17.05 -5.15
N ASN A 401 13.62 16.47 -5.65
CA ASN A 401 12.59 17.28 -6.31
C ASN A 401 11.20 17.01 -5.75
N PRO A 402 10.82 17.76 -4.72
CA PRO A 402 9.52 17.56 -4.09
C PRO A 402 8.36 17.60 -5.08
N ALA A 403 8.58 18.14 -6.27
CA ALA A 403 7.54 18.16 -7.27
C ALA A 403 7.16 16.72 -7.60
N ILE A 404 8.17 15.86 -7.68
CA ILE A 404 7.92 14.47 -8.00
C ILE A 404 7.36 13.68 -6.81
N ALA A 405 7.74 14.07 -5.60
CA ALA A 405 7.27 13.36 -4.41
C ALA A 405 5.86 13.75 -3.98
N TYR A 406 5.53 15.04 -4.08
CA TYR A 406 4.22 15.50 -3.61
C TYR A 406 3.41 16.31 -4.60
N GLY A 407 3.98 16.56 -5.77
CA GLY A 407 3.33 17.42 -6.75
C GLY A 407 2.03 16.92 -7.37
N SER A 408 1.25 17.87 -7.87
CA SER A 408 0.04 17.58 -8.61
C SER A 408 0.50 17.01 -9.95
N THR A 409 -0.44 16.58 -10.77
CA THR A 409 -0.11 16.04 -12.08
C THR A 409 -1.01 16.66 -13.13
N GLN A 410 -0.40 17.25 -14.15
CA GLN A 410 -1.19 17.89 -15.19
C GLN A 410 -0.73 17.52 -16.58
N GLU A 411 -1.70 17.20 -17.44
CA GLU A 411 -1.41 16.88 -18.82
C GLU A 411 -1.08 18.18 -19.55
N ARG A 412 0.07 18.23 -20.22
CA ARG A 412 0.50 19.45 -20.94
C ARG A 412 0.49 19.27 -22.46
N TRP A 413 0.70 18.04 -22.92
CA TRP A 413 0.71 17.73 -24.35
C TRP A 413 0.32 16.28 -24.51
N ILE A 414 -0.51 15.99 -25.50
CA ILE A 414 -0.96 14.62 -25.67
C ILE A 414 -1.54 14.28 -27.03
N ASN A 415 -1.33 13.03 -27.43
CA ASN A 415 -1.93 12.45 -28.62
C ASN A 415 -1.93 10.93 -28.38
N ASN A 416 -2.23 10.12 -29.40
CA ASN A 416 -2.30 8.67 -29.21
C ASN A 416 -1.11 8.08 -28.49
N ASP A 417 0.08 8.44 -28.95
CA ASP A 417 1.30 7.89 -28.42
C ASP A 417 2.15 8.79 -27.57
N VAL A 418 1.77 10.06 -27.45
CA VAL A 418 2.58 11.00 -26.69
C VAL A 418 1.90 11.53 -25.46
N LEU A 419 2.63 11.55 -24.34
CA LEU A 419 2.12 12.17 -23.14
C LEU A 419 3.18 13.00 -22.48
N ILE A 420 2.88 14.27 -22.32
CA ILE A 420 3.78 15.17 -21.65
C ILE A 420 3.04 15.72 -20.45
N TYR A 421 3.50 15.33 -19.27
CA TYR A 421 2.86 15.75 -18.04
C TYR A 421 3.80 16.54 -17.15
N GLU A 422 3.21 17.34 -16.27
CA GLU A 422 3.98 18.18 -15.37
C GLU A 422 3.65 17.94 -13.90
N ARG A 423 4.68 17.88 -13.08
CA ARG A 423 4.53 17.73 -11.65
C ARG A 423 4.90 19.07 -11.02
N LYS A 424 4.09 19.54 -10.08
CA LYS A 424 4.37 20.81 -9.43
C LYS A 424 4.13 20.78 -7.92
N PHE A 425 5.06 21.37 -7.18
CA PHE A 425 4.96 21.47 -5.72
C PHE A 425 5.83 22.62 -5.24
N GLY A 426 5.21 23.70 -4.78
CA GLY A 426 5.95 24.87 -4.31
C GLY A 426 6.82 25.41 -5.44
N SER A 427 8.07 25.71 -5.15
CA SER A 427 8.98 26.25 -6.16
C SER A 427 9.74 25.12 -6.84
N ASN A 428 9.02 24.06 -7.20
CA ASN A 428 9.61 22.93 -7.88
C ASN A 428 8.72 22.45 -8.99
N VAL A 429 9.35 22.07 -10.10
CA VAL A 429 8.63 21.58 -11.26
C VAL A 429 9.40 20.47 -11.94
N ALA A 430 8.67 19.58 -12.60
CA ALA A 430 9.26 18.50 -13.36
C ALA A 430 8.31 18.22 -14.51
N VAL A 431 8.85 18.11 -15.70
CA VAL A 431 8.05 17.82 -16.88
C VAL A 431 8.59 16.56 -17.51
N VAL A 432 7.69 15.64 -17.80
CA VAL A 432 8.08 14.39 -18.40
C VAL A 432 7.43 14.18 -19.75
N ALA A 433 8.26 13.88 -20.74
CA ALA A 433 7.80 13.63 -22.09
C ALA A 433 8.01 12.17 -22.45
N VAL A 434 6.97 11.52 -22.94
CA VAL A 434 7.06 10.12 -23.30
C VAL A 434 6.39 9.79 -24.64
N ASN A 435 7.16 9.20 -25.53
CA ASN A 435 6.65 8.78 -26.83
C ASN A 435 6.70 7.26 -26.88
N ARG A 436 5.56 6.62 -26.68
CA ARG A 436 5.49 5.18 -26.68
C ARG A 436 5.70 4.59 -28.07
N ASN A 437 5.45 5.40 -29.10
CA ASN A 437 5.62 4.92 -30.47
C ASN A 437 7.09 4.68 -30.79
N LEU A 438 7.44 3.41 -30.89
CA LEU A 438 8.82 3.01 -31.12
C LEU A 438 9.29 3.07 -32.57
N ASN A 439 8.43 3.50 -33.48
CA ASN A 439 8.83 3.61 -34.88
C ASN A 439 8.50 4.95 -35.50
N ALA A 440 7.96 5.87 -34.70
CA ALA A 440 7.59 7.17 -35.22
C ALA A 440 7.86 8.31 -34.25
N PRO A 441 8.65 9.28 -34.70
CA PRO A 441 8.94 10.45 -33.88
C PRO A 441 7.72 11.35 -33.89
N ALA A 442 7.71 12.34 -33.01
CA ALA A 442 6.59 13.26 -32.91
C ALA A 442 7.08 14.68 -32.84
N SER A 443 6.30 15.60 -33.41
CA SER A 443 6.65 17.01 -33.41
C SER A 443 5.89 17.73 -32.32
N ILE A 444 6.61 18.22 -31.33
CA ILE A 444 5.99 18.89 -30.21
C ILE A 444 6.03 20.40 -30.33
N SER A 445 4.87 20.97 -30.63
CA SER A 445 4.72 22.40 -30.72
C SER A 445 3.52 22.78 -29.86
N GLY A 446 3.58 23.96 -29.27
CA GLY A 446 2.49 24.44 -28.44
C GLY A 446 2.57 23.96 -26.98
N LEU A 447 3.70 23.36 -26.58
CA LEU A 447 3.83 22.90 -25.21
C LEU A 447 4.05 24.05 -24.25
N VAL A 448 3.20 24.14 -23.23
CA VAL A 448 3.32 25.18 -22.22
C VAL A 448 3.58 24.53 -20.86
N THR A 449 4.54 25.09 -20.13
CA THR A 449 4.92 24.54 -18.83
C THR A 449 5.01 25.60 -17.75
N SER A 450 5.29 25.16 -16.53
CA SER A 450 5.46 26.06 -15.40
C SER A 450 6.96 26.31 -15.17
N LEU A 451 7.80 25.82 -16.07
CA LEU A 451 9.24 25.96 -15.93
C LEU A 451 9.64 27.41 -16.18
N PRO A 452 10.62 27.88 -15.44
CA PRO A 452 11.09 29.23 -15.64
C PRO A 452 11.78 29.27 -17.00
N GLN A 453 11.88 30.46 -17.56
CA GLN A 453 12.51 30.63 -18.85
C GLN A 453 13.95 30.09 -18.82
N GLY A 454 14.35 29.42 -19.90
CA GLY A 454 15.70 28.89 -20.00
C GLY A 454 15.79 27.58 -20.80
N SER A 455 16.96 26.99 -20.81
CA SER A 455 17.19 25.74 -21.52
C SER A 455 17.38 24.62 -20.50
N TYR A 456 16.64 23.53 -20.68
CA TYR A 456 16.69 22.43 -19.75
C TYR A 456 17.24 21.15 -20.36
N ASN A 457 18.30 20.63 -19.75
CA ASN A 457 18.92 19.40 -20.20
C ASN A 457 18.12 18.22 -19.67
N ASP A 458 17.96 17.20 -20.51
CA ASP A 458 17.24 16.00 -20.12
C ASP A 458 17.96 15.32 -18.97
N VAL A 459 17.24 15.08 -17.87
CA VAL A 459 17.82 14.45 -16.70
C VAL A 459 18.35 13.07 -17.03
N LEU A 460 17.73 12.42 -18.00
CA LEU A 460 18.15 11.08 -18.42
C LEU A 460 19.39 11.14 -19.31
N GLY A 461 19.79 12.36 -19.68
CA GLY A 461 20.98 12.56 -20.50
C GLY A 461 20.92 11.86 -21.86
N GLY A 462 19.72 11.79 -22.44
CA GLY A 462 19.55 11.17 -23.75
C GLY A 462 19.61 9.64 -23.71
N LEU A 463 19.71 9.10 -22.49
CA LEU A 463 19.75 7.66 -22.30
C LEU A 463 18.58 6.99 -23.00
N LEU A 464 17.41 7.62 -22.94
CA LEU A 464 16.23 7.10 -23.59
C LEU A 464 15.84 8.01 -24.76
N ASN A 465 16.86 8.45 -25.49
CA ASN A 465 16.67 9.31 -26.65
C ASN A 465 15.94 10.61 -26.35
N GLY A 466 16.12 11.10 -25.13
CA GLY A 466 15.51 12.37 -24.72
C GLY A 466 16.26 13.52 -25.38
N ASN A 467 15.82 14.74 -25.10
CA ASN A 467 16.43 15.93 -25.69
C ASN A 467 16.38 17.13 -24.77
N THR A 468 17.02 18.20 -25.19
CA THR A 468 17.03 19.44 -24.44
C THR A 468 15.75 20.22 -24.71
N LEU A 469 15.29 20.95 -23.71
CA LEU A 469 14.08 21.74 -23.83
C LEU A 469 14.40 23.22 -23.77
N SER A 470 13.66 24.01 -24.53
CA SER A 470 13.86 25.45 -24.57
C SER A 470 12.59 26.15 -24.14
N VAL A 471 12.64 26.77 -22.96
CA VAL A 471 11.48 27.45 -22.41
C VAL A 471 11.59 28.95 -22.52
N GLY A 472 10.60 29.57 -23.13
CA GLY A 472 10.59 31.01 -23.29
C GLY A 472 9.72 31.67 -22.24
N SER A 473 9.11 32.79 -22.62
CA SER A 473 8.25 33.52 -21.71
C SER A 473 6.91 32.82 -21.61
N GLY A 474 6.22 33.05 -20.50
CA GLY A 474 4.94 32.43 -20.27
C GLY A 474 5.12 30.93 -20.03
N GLY A 475 6.35 30.46 -20.18
CA GLY A 475 6.66 29.05 -19.98
C GLY A 475 6.48 28.23 -21.26
N ALA A 476 6.25 28.92 -22.37
CA ALA A 476 6.05 28.26 -23.66
C ALA A 476 7.36 27.67 -24.18
N ALA A 477 7.35 26.39 -24.51
CA ALA A 477 8.54 25.73 -25.02
C ALA A 477 8.63 25.85 -26.54
N SER A 478 9.85 25.98 -27.05
CA SER A 478 10.07 26.07 -28.49
C SER A 478 9.84 24.71 -29.10
N ASN A 479 9.46 24.68 -30.38
CA ASN A 479 9.19 23.41 -31.07
C ASN A 479 10.35 22.45 -30.91
N PHE A 480 10.04 21.17 -30.76
CA PHE A 480 11.06 20.13 -30.69
C PHE A 480 10.54 18.79 -31.17
N THR A 481 11.47 17.93 -31.57
CA THR A 481 11.14 16.61 -32.04
C THR A 481 11.31 15.63 -30.91
N LEU A 482 10.26 14.87 -30.62
CA LEU A 482 10.35 13.84 -29.59
C LEU A 482 10.64 12.51 -30.29
N ALA A 483 11.88 12.06 -30.15
CA ALA A 483 12.33 10.83 -30.80
C ALA A 483 11.41 9.64 -30.61
N ALA A 484 11.47 8.71 -31.56
CA ALA A 484 10.70 7.49 -31.47
C ALA A 484 11.11 6.78 -30.19
N GLY A 485 10.13 6.41 -29.37
CA GLY A 485 10.41 5.75 -28.10
C GLY A 485 11.17 6.67 -27.17
N GLY A 486 11.09 7.96 -27.44
CA GLY A 486 11.79 8.97 -26.65
C GLY A 486 11.15 9.23 -25.28
N THR A 487 11.99 9.46 -24.28
CA THR A 487 11.56 9.76 -22.93
C THR A 487 12.52 10.78 -22.36
N ALA A 488 12.01 11.93 -21.94
CA ALA A 488 12.87 12.96 -21.38
C ALA A 488 12.27 13.54 -20.11
N VAL A 489 13.15 14.04 -19.24
CA VAL A 489 12.71 14.65 -18.01
C VAL A 489 13.39 15.99 -17.79
N TRP A 490 12.59 17.03 -17.58
CA TRP A 490 13.12 18.36 -17.34
C TRP A 490 12.61 18.85 -15.99
N GLN A 491 13.46 19.54 -15.24
CA GLN A 491 13.08 19.95 -13.90
C GLN A 491 13.59 21.31 -13.47
N TYR A 492 12.99 21.82 -12.41
CA TYR A 492 13.38 23.08 -11.80
C TYR A 492 13.15 22.99 -10.31
N THR A 493 14.16 23.30 -9.54
CA THR A 493 14.03 23.26 -8.09
C THR A 493 14.60 24.50 -7.45
N ALA A 494 13.90 25.00 -6.45
CA ALA A 494 14.32 26.18 -5.72
C ALA A 494 13.59 26.19 -4.38
N ALA A 495 14.12 26.97 -3.43
CA ALA A 495 13.52 27.05 -2.11
C ALA A 495 12.12 27.65 -2.16
N THR A 496 11.20 26.99 -1.47
CA THR A 496 9.81 27.43 -1.41
C THR A 496 9.60 28.40 -0.24
N ALA A 497 9.06 29.57 -0.56
CA ALA A 497 8.85 30.64 0.42
C ALA A 497 7.70 30.39 1.36
N THR A 498 6.55 29.98 0.82
CA THR A 498 5.38 29.78 1.65
C THR A 498 5.19 28.32 2.07
N PRO A 499 4.59 28.13 3.23
CA PRO A 499 4.36 26.79 3.77
C PRO A 499 3.46 25.98 2.88
N THR A 500 3.93 24.81 2.51
CA THR A 500 3.17 23.93 1.63
C THR A 500 3.26 22.51 2.14
N ILE A 501 2.12 21.93 2.45
CA ILE A 501 2.06 20.55 2.94
C ILE A 501 1.98 19.59 1.77
N GLY A 502 2.93 18.67 1.71
CA GLY A 502 2.95 17.70 0.63
C GLY A 502 2.50 16.32 1.09
N HIS A 503 2.54 16.10 2.40
CA HIS A 503 2.17 14.79 2.93
C HIS A 503 1.86 14.77 4.42
N VAL A 504 0.96 13.88 4.81
CA VAL A 504 0.62 13.69 6.22
C VAL A 504 0.45 12.20 6.52
N GLY A 505 1.10 11.76 7.60
CA GLY A 505 1.04 10.36 8.00
C GLY A 505 1.32 10.21 9.48
N PRO A 506 0.55 9.34 10.14
CA PRO A 506 -0.50 8.59 9.48
C PRO A 506 -1.76 9.44 9.35
N MET A 507 -2.75 8.93 8.63
CA MET A 507 -3.98 9.67 8.40
C MET A 507 -5.12 9.26 9.33
N MET A 508 -4.84 8.42 10.31
CA MET A 508 -5.87 7.96 11.23
C MET A 508 -5.28 7.57 12.56
N ALA A 509 -5.71 8.22 13.63
CA ALA A 509 -5.20 7.91 14.96
C ALA A 509 -6.01 8.59 16.03
N LYS A 510 -5.80 8.17 17.27
CA LYS A 510 -6.52 8.76 18.40
C LYS A 510 -5.71 9.93 18.90
N PRO A 511 -6.33 10.82 19.66
CA PRO A 511 -5.61 11.98 20.16
C PRO A 511 -4.39 11.58 20.98
N GLY A 512 -3.34 12.40 20.91
CA GLY A 512 -2.11 12.15 21.66
C GLY A 512 -1.05 11.49 20.79
N VAL A 513 -1.49 10.82 19.73
CA VAL A 513 -0.57 10.16 18.82
C VAL A 513 0.16 11.22 18.00
N THR A 514 1.42 10.96 17.66
CA THR A 514 2.20 11.92 16.92
C THR A 514 2.12 11.69 15.43
N ILE A 515 1.79 12.74 14.70
CA ILE A 515 1.73 12.64 13.25
C ILE A 515 2.87 13.44 12.61
N THR A 516 3.19 13.07 11.38
CA THR A 516 4.27 13.69 10.66
C THR A 516 3.74 14.47 9.47
N ILE A 517 4.06 15.75 9.44
CA ILE A 517 3.63 16.62 8.36
C ILE A 517 4.83 17.03 7.53
N ASP A 518 4.88 16.58 6.28
CA ASP A 518 6.01 16.85 5.41
C ASP A 518 5.66 17.81 4.30
N GLY A 519 6.68 18.50 3.78
CA GLY A 519 6.50 19.45 2.70
C GLY A 519 7.68 20.40 2.60
N ARG A 520 7.38 21.67 2.37
CA ARG A 520 8.40 22.68 2.23
C ARG A 520 7.87 24.05 2.63
N GLY A 521 8.78 24.94 3.02
CA GLY A 521 8.45 26.31 3.39
C GLY A 521 7.83 26.46 4.77
N PHE A 522 8.08 25.51 5.66
CA PHE A 522 7.52 25.58 7.01
C PHE A 522 8.30 26.58 7.87
N GLY A 523 9.55 26.83 7.51
CA GLY A 523 10.41 27.74 8.27
C GLY A 523 11.08 26.93 9.39
N SER A 524 12.06 27.52 10.04
CA SER A 524 12.77 26.82 11.10
C SER A 524 12.17 27.05 12.48
N SER A 525 11.33 28.06 12.61
CA SER A 525 10.72 28.37 13.90
C SER A 525 9.31 27.81 14.00
N LYS A 526 9.02 27.18 15.14
CA LYS A 526 7.71 26.58 15.39
C LYS A 526 6.58 27.52 15.04
N GLY A 527 5.57 27.00 14.36
CA GLY A 527 4.43 27.79 13.96
C GLY A 527 3.16 27.24 14.60
N THR A 528 2.12 27.07 13.79
CA THR A 528 0.86 26.55 14.27
C THR A 528 0.34 25.42 13.38
N VAL A 529 -0.33 24.46 14.00
CA VAL A 529 -0.93 23.34 13.28
C VAL A 529 -2.42 23.38 13.55
N TYR A 530 -3.23 23.18 12.51
CA TYR A 530 -4.67 23.20 12.66
C TYR A 530 -5.30 21.88 12.29
N PHE A 531 -6.19 21.41 13.17
CA PHE A 531 -6.97 20.22 12.92
C PHE A 531 -8.38 20.77 12.83
N GLY A 532 -8.82 21.06 11.61
CA GLY A 532 -10.09 21.71 11.42
C GLY A 532 -9.85 23.14 11.91
N THR A 533 -10.72 23.64 12.77
CA THR A 533 -10.54 24.98 13.30
C THR A 533 -9.67 25.00 14.55
N THR A 534 -9.38 23.82 15.10
CA THR A 534 -8.58 23.73 16.32
C THR A 534 -7.10 24.03 16.09
N ALA A 535 -6.57 24.94 16.90
CA ALA A 535 -5.19 25.36 16.79
C ALA A 535 -4.26 24.65 17.79
N VAL A 536 -3.12 24.20 17.28
CA VAL A 536 -2.14 23.53 18.09
C VAL A 536 -0.78 24.21 17.91
N SER A 537 -0.16 24.56 19.02
CA SER A 537 1.13 25.21 19.00
C SER A 537 1.86 24.91 20.30
N GLY A 538 3.13 25.28 20.34
CA GLY A 538 3.94 25.08 21.54
C GLY A 538 4.43 23.66 21.76
N ALA A 539 4.30 23.19 23.00
CA ALA A 539 4.79 21.89 23.43
C ALA A 539 4.31 20.69 22.65
N ASP A 540 3.04 20.68 22.26
CA ASP A 540 2.52 19.55 21.53
C ASP A 540 3.13 19.42 20.14
N ILE A 541 3.82 20.47 19.72
CA ILE A 541 4.54 20.44 18.47
C ILE A 541 5.95 19.99 18.84
N THR A 542 6.16 18.66 18.82
CA THR A 542 7.41 18.06 19.23
C THR A 542 8.63 18.58 18.49
N SER A 543 8.47 18.84 17.20
CA SER A 543 9.57 19.34 16.41
C SER A 543 9.08 20.02 15.16
N TRP A 544 9.82 21.03 14.72
CA TRP A 544 9.44 21.82 13.57
C TRP A 544 10.67 22.22 12.76
N GLU A 545 10.69 21.83 11.48
CA GLU A 545 11.78 22.18 10.59
C GLU A 545 11.17 22.53 9.22
N ASP A 546 11.95 23.06 8.30
CA ASP A 546 11.37 23.50 7.04
C ASP A 546 10.61 22.46 6.25
N THR A 547 11.07 21.21 6.28
CA THR A 547 10.41 20.16 5.51
C THR A 547 9.58 19.20 6.33
N GLN A 548 9.74 19.24 7.64
CA GLN A 548 9.00 18.31 8.49
C GLN A 548 8.53 18.87 9.82
N ILE A 549 7.35 18.44 10.23
CA ILE A 549 6.78 18.86 11.50
C ILE A 549 6.20 17.65 12.22
N LYS A 550 6.50 17.53 13.51
CA LYS A 550 5.96 16.44 14.30
C LYS A 550 5.07 17.02 15.39
N VAL A 551 3.78 16.71 15.31
CA VAL A 551 2.82 17.25 16.25
C VAL A 551 1.86 16.21 16.80
N LYS A 552 1.50 16.38 18.08
CA LYS A 552 0.57 15.48 18.75
C LYS A 552 -0.87 15.84 18.41
N ILE A 553 -1.67 14.84 18.06
CA ILE A 553 -3.07 15.06 17.73
C ILE A 553 -3.82 15.57 18.96
N PRO A 554 -4.50 16.69 18.83
CA PRO A 554 -5.22 17.27 19.95
C PRO A 554 -6.43 16.43 20.38
N ALA A 555 -6.86 16.64 21.61
CA ALA A 555 -7.99 15.92 22.18
C ALA A 555 -9.33 16.45 21.70
N VAL A 556 -9.55 16.42 20.39
CA VAL A 556 -10.82 16.87 19.83
C VAL A 556 -11.70 15.64 19.64
N ALA A 557 -13.00 15.88 19.48
CA ALA A 557 -13.94 14.78 19.29
C ALA A 557 -13.61 13.99 18.03
N GLY A 558 -13.96 12.71 18.02
CA GLY A 558 -13.71 11.86 16.87
C GLY A 558 -14.33 12.49 15.63
N GLY A 559 -13.63 12.40 14.50
CA GLY A 559 -14.15 12.98 13.27
C GLY A 559 -13.09 13.12 12.18
N ASN A 560 -13.51 13.72 11.07
CA ASN A 560 -12.66 13.96 9.92
C ASN A 560 -12.28 15.45 9.91
N TYR A 561 -10.98 15.73 10.00
CA TYR A 561 -10.49 17.10 10.06
C TYR A 561 -9.55 17.45 8.91
N ASN A 562 -9.54 18.71 8.54
CA ASN A 562 -8.65 19.19 7.50
C ASN A 562 -7.41 19.73 8.18
N ILE A 563 -6.25 19.26 7.73
CA ILE A 563 -4.98 19.68 8.31
C ILE A 563 -4.41 20.89 7.61
N LYS A 564 -4.00 21.87 8.40
CA LYS A 564 -3.39 23.07 7.86
C LYS A 564 -2.31 23.53 8.82
N VAL A 565 -1.35 24.29 8.32
CA VAL A 565 -0.29 24.81 9.18
C VAL A 565 0.00 26.26 8.85
N ALA A 566 0.65 26.95 9.76
CA ALA A 566 1.01 28.34 9.56
C ALA A 566 2.41 28.54 10.09
N ASN A 567 3.22 29.31 9.38
CA ASN A 567 4.56 29.55 9.85
C ASN A 567 4.54 30.55 10.99
N ALA A 568 5.72 30.82 11.55
CA ALA A 568 5.83 31.72 12.70
C ALA A 568 5.22 33.08 12.41
N ALA A 569 5.33 33.53 11.16
CA ALA A 569 4.81 34.83 10.76
C ALA A 569 3.29 34.85 10.66
N GLY A 570 2.68 33.66 10.63
CA GLY A 570 1.23 33.55 10.54
C GLY A 570 0.73 33.25 9.13
N THR A 571 1.65 32.87 8.24
CA THR A 571 1.28 32.57 6.87
C THR A 571 0.75 31.14 6.76
N ALA A 572 -0.49 31.03 6.29
CA ALA A 572 -1.15 29.73 6.17
C ALA A 572 -0.71 28.93 4.96
N SER A 573 -0.73 27.61 5.11
CA SER A 573 -0.36 26.69 4.05
C SER A 573 -1.62 26.19 3.36
N ASN A 574 -1.45 25.23 2.46
CA ASN A 574 -2.57 24.62 1.77
C ASN A 574 -3.20 23.60 2.73
N VAL A 575 -4.43 23.22 2.46
CA VAL A 575 -5.13 22.30 3.30
C VAL A 575 -4.96 20.84 2.88
N TYR A 576 -4.62 19.99 3.83
CA TYR A 576 -4.49 18.56 3.60
C TYR A 576 -5.68 17.90 4.30
N ASP A 577 -6.71 17.57 3.52
CA ASP A 577 -7.95 17.04 4.08
C ASP A 577 -7.96 15.54 4.39
N ASN A 578 -9.11 15.09 4.90
CA ASN A 578 -9.34 13.69 5.19
C ASN A 578 -8.64 13.10 6.42
N PHE A 579 -8.25 13.92 7.39
CA PHE A 579 -7.62 13.35 8.56
C PHE A 579 -8.62 12.79 9.54
N GLU A 580 -8.46 11.51 9.90
CA GLU A 580 -9.38 10.92 10.83
C GLU A 580 -8.89 10.80 12.26
N VAL A 581 -9.55 11.53 13.15
CA VAL A 581 -9.23 11.48 14.56
C VAL A 581 -10.14 10.44 15.20
N LEU A 582 -9.54 9.39 15.71
CA LEU A 582 -10.30 8.31 16.33
C LEU A 582 -10.86 8.75 17.67
N SER A 583 -11.93 8.08 18.10
CA SER A 583 -12.55 8.40 19.38
C SER A 583 -11.76 7.77 20.51
N GLY A 584 -10.70 7.04 20.14
CA GLY A 584 -9.85 6.37 21.12
C GLY A 584 -9.39 5.03 20.58
N ASP A 585 -8.87 4.18 21.45
CA ASP A 585 -8.45 2.83 21.05
C ASP A 585 -9.63 2.15 20.38
N GLN A 586 -9.36 1.29 19.41
CA GLN A 586 -10.43 0.62 18.68
C GLN A 586 -10.54 -0.88 18.93
N VAL A 587 -11.74 -1.39 18.74
CA VAL A 587 -12.01 -2.82 18.82
C VAL A 587 -12.95 -3.18 17.69
N SER A 588 -12.83 -4.41 17.19
CA SER A 588 -13.68 -4.87 16.10
C SER A 588 -14.92 -5.57 16.63
N VAL A 589 -16.07 -5.03 16.28
CA VAL A 589 -17.33 -5.57 16.73
C VAL A 589 -18.23 -5.92 15.56
N ARG A 590 -18.85 -7.10 15.63
CA ARG A 590 -19.74 -7.55 14.57
C ARG A 590 -21.20 -7.18 14.87
N PHE A 591 -21.77 -6.33 14.03
CA PHE A 591 -23.15 -5.92 14.19
C PHE A 591 -24.07 -6.78 13.32
N VAL A 592 -25.11 -7.32 13.94
CA VAL A 592 -26.06 -8.16 13.23
C VAL A 592 -27.48 -7.70 13.48
N VAL A 593 -28.21 -7.43 12.41
CA VAL A 593 -29.59 -7.01 12.52
C VAL A 593 -30.49 -8.00 11.78
N ASN A 594 -31.49 -8.53 12.48
CA ASN A 594 -32.39 -9.50 11.87
C ASN A 594 -33.70 -8.90 11.37
N ASN A 595 -34.22 -9.51 10.30
CA ASN A 595 -35.47 -9.09 9.68
C ASN A 595 -35.48 -7.67 9.15
N ALA A 596 -34.47 -7.35 8.34
CA ALA A 596 -34.38 -6.04 7.71
C ALA A 596 -34.67 -6.24 6.23
N THR A 597 -35.94 -6.33 5.89
CA THR A 597 -36.36 -6.57 4.53
C THR A 597 -36.13 -5.37 3.62
N THR A 598 -35.61 -5.65 2.43
CA THR A 598 -35.30 -4.62 1.46
C THR A 598 -35.72 -5.02 0.08
N ALA A 599 -35.65 -4.07 -0.83
CA ALA A 599 -35.95 -4.31 -2.22
C ALA A 599 -34.63 -4.32 -2.96
N LEU A 600 -34.60 -4.98 -4.12
CA LEU A 600 -33.41 -5.06 -4.92
C LEU A 600 -32.81 -3.68 -5.15
N GLY A 601 -31.56 -3.50 -4.74
CA GLY A 601 -30.87 -2.22 -4.88
C GLY A 601 -30.83 -1.48 -3.55
N GLN A 602 -31.77 -1.84 -2.66
CA GLN A 602 -31.84 -1.22 -1.33
C GLN A 602 -30.98 -2.01 -0.33
N ASN A 603 -30.16 -1.30 0.45
CA ASN A 603 -29.28 -1.96 1.40
C ASN A 603 -29.41 -1.42 2.81
N VAL A 604 -28.99 -2.24 3.76
CA VAL A 604 -29.04 -1.88 5.16
C VAL A 604 -27.66 -1.37 5.62
N TYR A 605 -27.66 -0.28 6.39
CA TYR A 605 -26.44 0.31 6.91
C TYR A 605 -26.51 0.46 8.42
N LEU A 606 -25.39 0.86 9.01
CA LEU A 606 -25.30 1.08 10.44
C LEU A 606 -24.92 2.53 10.73
N THR A 607 -25.66 3.16 11.63
CA THR A 607 -25.38 4.54 12.03
C THR A 607 -25.33 4.59 13.55
N GLY A 608 -24.50 5.47 14.10
CA GLY A 608 -24.35 5.53 15.55
C GLY A 608 -23.96 6.87 16.16
N SER A 609 -23.90 6.87 17.49
CA SER A 609 -23.58 8.07 18.27
C SER A 609 -22.09 8.36 18.39
N VAL A 610 -21.29 7.78 17.52
CA VAL A 610 -19.84 8.06 17.51
C VAL A 610 -19.37 8.25 16.07
N SER A 611 -18.29 9.01 15.91
CA SER A 611 -17.76 9.25 14.57
C SER A 611 -17.49 7.94 13.84
N GLU A 612 -17.11 6.92 14.59
CA GLU A 612 -16.83 5.61 14.01
C GLU A 612 -18.06 5.04 13.31
N LEU A 613 -19.23 5.53 13.68
CA LEU A 613 -20.48 5.09 13.09
C LEU A 613 -21.14 6.25 12.32
N GLY A 614 -20.39 7.33 12.16
CA GLY A 614 -20.85 8.50 11.40
C GLY A 614 -21.67 9.54 12.18
N ASN A 615 -21.74 9.39 13.50
CA ASN A 615 -22.49 10.34 14.34
C ASN A 615 -23.91 10.65 13.80
N TRP A 616 -24.68 9.61 13.48
CA TRP A 616 -26.06 9.76 12.99
C TRP A 616 -26.24 10.33 11.58
N ASP A 617 -25.14 10.58 10.88
CA ASP A 617 -25.25 11.12 9.53
C ASP A 617 -25.35 9.97 8.52
N PRO A 618 -26.52 9.80 7.92
CA PRO A 618 -26.72 8.71 6.96
C PRO A 618 -25.63 8.71 5.87
N ALA A 619 -25.19 9.90 5.48
CA ALA A 619 -24.16 10.03 4.46
C ALA A 619 -22.88 9.37 4.92
N LYS A 620 -22.72 9.26 6.23
CA LYS A 620 -21.54 8.66 6.82
C LYS A 620 -21.82 7.28 7.42
N ALA A 621 -22.97 6.71 7.08
CA ALA A 621 -23.36 5.39 7.59
C ALA A 621 -22.34 4.31 7.23
N ILE A 622 -22.36 3.23 8.00
CA ILE A 622 -21.46 2.10 7.79
C ILE A 622 -22.17 1.01 6.99
N GLY A 623 -21.60 0.66 5.84
CA GLY A 623 -22.19 -0.36 4.97
C GLY A 623 -21.90 -0.09 3.49
N PRO A 624 -22.71 -0.69 2.61
CA PRO A 624 -23.82 -1.55 3.02
C PRO A 624 -23.35 -2.82 3.73
N MET A 625 -24.24 -3.40 4.55
CA MET A 625 -23.92 -4.60 5.29
C MET A 625 -24.06 -5.84 4.42
N TYR A 626 -23.56 -6.96 4.93
CA TYR A 626 -23.60 -8.22 4.20
C TYR A 626 -24.79 -9.06 4.63
N ASN A 627 -25.21 -9.99 3.77
CA ASN A 627 -26.36 -10.83 4.07
C ASN A 627 -26.34 -12.17 3.32
N GLN A 628 -25.16 -12.69 3.01
CA GLN A 628 -25.07 -13.97 2.29
C GLN A 628 -24.33 -15.08 3.05
N VAL A 629 -23.09 -14.81 3.43
CA VAL A 629 -22.25 -15.84 4.06
C VAL A 629 -22.47 -16.14 5.55
N VAL A 630 -22.00 -15.27 6.42
CA VAL A 630 -22.12 -15.50 7.87
C VAL A 630 -23.57 -15.50 8.37
N TYR A 631 -24.42 -14.72 7.70
CA TYR A 631 -25.83 -14.66 8.02
C TYR A 631 -26.54 -14.47 6.69
N GLN A 632 -27.79 -14.88 6.61
CA GLN A 632 -28.54 -14.78 5.37
C GLN A 632 -29.70 -13.79 5.48
N TYR A 633 -29.94 -13.05 4.40
CA TYR A 633 -31.05 -12.10 4.34
C TYR A 633 -32.32 -12.88 4.69
N PRO A 634 -33.30 -12.26 5.36
CA PRO A 634 -33.30 -10.84 5.71
C PRO A 634 -32.40 -10.45 6.87
N ASN A 635 -31.45 -11.30 7.21
CA ASN A 635 -30.52 -10.97 8.27
C ASN A 635 -29.27 -10.33 7.66
N TRP A 636 -28.79 -9.24 8.25
CA TRP A 636 -27.61 -8.53 7.76
C TRP A 636 -26.52 -8.48 8.83
N TYR A 637 -25.27 -8.46 8.39
CA TYR A 637 -24.14 -8.42 9.30
C TYR A 637 -22.99 -7.56 8.79
N TYR A 638 -22.14 -7.12 9.71
CA TYR A 638 -20.99 -6.31 9.34
C TYR A 638 -20.04 -6.08 10.51
N ASP A 639 -18.76 -6.09 10.21
CA ASP A 639 -17.73 -5.92 11.22
C ASP A 639 -17.22 -4.50 11.21
N VAL A 640 -17.36 -3.83 12.35
CA VAL A 640 -17.04 -2.44 12.46
C VAL A 640 -16.00 -2.11 13.53
N SER A 641 -15.18 -1.11 13.24
CA SER A 641 -14.19 -0.65 14.19
C SER A 641 -14.87 0.43 15.02
N VAL A 642 -14.87 0.23 16.34
CA VAL A 642 -15.51 1.18 17.23
C VAL A 642 -14.60 1.49 18.41
N PRO A 643 -14.90 2.57 19.12
CA PRO A 643 -14.10 2.97 20.27
C PRO A 643 -14.22 2.01 21.44
N ALA A 644 -13.10 1.41 21.80
CA ALA A 644 -13.06 0.43 22.87
C ALA A 644 -13.60 0.95 24.19
N GLY A 645 -14.48 0.18 24.80
CA GLY A 645 -15.04 0.50 26.10
C GLY A 645 -16.09 1.58 26.13
N LYS A 646 -16.55 2.05 24.98
CA LYS A 646 -17.55 3.10 24.97
C LYS A 646 -18.97 2.60 24.84
N THR A 647 -19.88 3.25 25.55
CA THR A 647 -21.28 2.93 25.45
C THR A 647 -21.79 3.68 24.24
N ILE A 648 -22.22 2.93 23.23
CA ILE A 648 -22.66 3.52 21.99
C ILE A 648 -24.10 3.23 21.66
N GLU A 649 -24.79 4.25 21.17
CA GLU A 649 -26.16 4.10 20.74
C GLU A 649 -26.16 4.00 19.22
N PHE A 650 -26.99 3.11 18.69
CA PHE A 650 -27.01 2.91 17.25
C PHE A 650 -28.38 2.57 16.70
N LYS A 651 -28.45 2.58 15.38
CA LYS A 651 -29.67 2.26 14.67
C LYS A 651 -29.31 1.81 13.27
N PHE A 652 -30.24 1.18 12.59
CA PHE A 652 -30.01 0.73 11.25
C PHE A 652 -30.87 1.48 10.27
N LEU A 653 -30.36 1.61 9.05
CA LEU A 653 -31.05 2.32 8.01
C LEU A 653 -31.12 1.48 6.76
N LYS A 654 -32.08 1.80 5.92
CA LYS A 654 -32.24 1.15 4.64
C LYS A 654 -32.06 2.25 3.63
N LYS A 655 -31.09 2.09 2.74
CA LYS A 655 -30.81 3.15 1.79
C LYS A 655 -30.77 2.73 0.34
N GLN A 656 -31.24 3.63 -0.51
CA GLN A 656 -31.20 3.48 -1.95
C GLN A 656 -30.67 4.82 -2.44
N GLY A 657 -29.42 4.83 -2.90
CA GLY A 657 -28.79 6.09 -3.28
C GLY A 657 -28.62 6.85 -1.98
N SER A 658 -29.11 8.07 -1.92
CA SER A 658 -29.03 8.85 -0.69
C SER A 658 -30.37 8.88 0.04
N THR A 659 -31.38 8.24 -0.54
CA THR A 659 -32.68 8.15 0.08
C THR A 659 -32.55 7.18 1.26
N VAL A 660 -33.06 7.57 2.43
CA VAL A 660 -32.86 6.78 3.62
C VAL A 660 -34.10 6.50 4.47
N THR A 661 -34.24 5.25 4.88
CA THR A 661 -35.34 4.84 5.75
C THR A 661 -34.77 4.48 7.12
N TRP A 662 -35.20 5.18 8.15
CA TRP A 662 -34.71 4.97 9.50
C TRP A 662 -35.41 3.86 10.22
N GLU A 663 -34.64 3.09 10.97
CA GLU A 663 -35.20 2.05 11.80
C GLU A 663 -36.12 2.76 12.78
N GLY A 664 -37.26 2.14 13.09
CA GLY A 664 -38.22 2.74 14.01
C GLY A 664 -37.84 2.46 15.46
N GLY A 665 -38.73 2.84 16.36
CA GLY A 665 -38.52 2.61 17.78
C GLY A 665 -37.45 3.51 18.36
N SER A 666 -36.76 3.00 19.37
CA SER A 666 -35.71 3.76 20.04
C SER A 666 -34.32 3.24 19.67
N ASN A 667 -33.30 3.98 20.07
CA ASN A 667 -31.92 3.62 19.76
C ASN A 667 -31.47 2.35 20.42
N HIS A 668 -30.66 1.58 19.71
CA HIS A 668 -30.06 0.39 20.26
C HIS A 668 -28.85 0.87 21.05
N THR A 669 -28.49 0.14 22.09
CA THR A 669 -27.35 0.54 22.89
C THR A 669 -26.49 -0.63 23.28
N PHE A 670 -25.21 -0.36 23.46
CA PHE A 670 -24.28 -1.38 23.87
C PHE A 670 -22.98 -0.76 24.29
N THR A 671 -22.20 -1.51 25.03
CA THR A 671 -20.91 -1.04 25.49
C THR A 671 -19.81 -1.86 24.82
N ALA A 672 -18.91 -1.16 24.14
CA ALA A 672 -17.82 -1.80 23.42
C ALA A 672 -16.80 -2.46 24.34
N PRO A 673 -16.39 -3.66 23.98
CA PRO A 673 -15.41 -4.40 24.74
C PRO A 673 -14.15 -3.55 24.99
N SER A 674 -13.46 -3.81 26.09
CA SER A 674 -12.25 -3.08 26.42
C SER A 674 -11.12 -3.57 25.55
N SER A 675 -11.25 -4.80 25.08
CA SER A 675 -10.25 -5.41 24.23
C SER A 675 -10.89 -6.60 23.56
N GLY A 676 -10.30 -7.08 22.49
CA GLY A 676 -10.84 -8.20 21.78
C GLY A 676 -12.08 -7.80 20.99
N THR A 677 -12.86 -8.81 20.61
CA THR A 677 -14.03 -8.61 19.78
C THR A 677 -15.33 -8.80 20.52
N ALA A 678 -16.43 -8.70 19.79
CA ALA A 678 -17.76 -8.87 20.34
C ALA A 678 -18.76 -8.91 19.20
N THR A 679 -19.95 -9.42 19.47
CA THR A 679 -20.99 -9.50 18.46
C THR A 679 -22.31 -9.04 19.03
N ILE A 680 -22.86 -7.99 18.44
CA ILE A 680 -24.14 -7.45 18.88
C ILE A 680 -25.22 -7.88 17.90
N ASN A 681 -26.24 -8.53 18.42
CA ASN A 681 -27.33 -9.03 17.61
C ASN A 681 -28.64 -8.41 18.03
N VAL A 682 -29.36 -7.87 17.05
CA VAL A 682 -30.63 -7.24 17.34
C VAL A 682 -31.63 -7.39 16.19
N ASN A 683 -32.89 -7.12 16.48
CA ASN A 683 -33.93 -7.19 15.48
C ASN A 683 -34.26 -5.80 14.99
N TRP A 684 -34.49 -5.68 13.70
CA TRP A 684 -34.83 -4.39 13.11
C TRP A 684 -36.18 -3.95 13.65
N GLN A 685 -36.24 -2.74 14.20
CA GLN A 685 -37.50 -2.25 14.74
C GLN A 685 -38.27 -1.45 13.68
N PRO A 686 -39.52 -1.81 13.48
CA PRO A 686 -40.38 -1.15 12.50
C PRO A 686 -40.77 0.26 12.98
C1 GLC B . -1.53 19.34 -30.21
C2 GLC B . -1.55 18.38 -29.06
C3 GLC B . -2.23 19.00 -27.87
C4 GLC B . -1.56 20.33 -27.57
C5 GLC B . -1.57 21.25 -28.79
C6 GLC B . -0.75 22.50 -28.53
O1 GLC B . -2.83 19.56 -30.64
O2 GLC B . -2.24 17.18 -29.43
O3 GLC B . -2.12 18.12 -26.75
O4 GLC B . -2.30 20.96 -26.50
O5 GLC B . -0.87 20.54 -29.81
O6 GLC B . -1.07 23.47 -29.52
C1 GLC B . -1.67 21.08 -25.26
C2 GLC B . -2.65 20.65 -24.19
C3 GLC B . -3.83 21.59 -24.16
C4 GLC B . -3.38 23.03 -24.05
C5 GLC B . -2.34 23.37 -25.10
C6 GLC B . -1.73 24.72 -24.86
O2 GLC B . -3.09 19.33 -24.48
O3 GLC B . -4.66 21.32 -23.03
O4 GLC B . -4.46 23.92 -24.30
O5 GLC B . -1.26 22.44 -25.05
O6 GLC B . -0.87 25.14 -25.92
C1 GLC C . -8.54 -17.72 -12.73
C2 GLC C . -7.71 -16.64 -13.40
C3 GLC C . -6.97 -15.92 -12.29
C4 GLC C . -7.97 -15.22 -11.40
C5 GLC C . -8.92 -16.28 -10.80
C6 GLC C . -10.04 -15.65 -10.01
O2 GLC C . -6.79 -17.23 -14.32
O3 GLC C . -6.15 -14.98 -12.85
O4 GLC C . -7.23 -14.56 -10.39
O5 GLC C . -9.47 -17.10 -11.84
O6 GLC C . -10.74 -14.73 -10.87
C1 GLC C . -7.13 -13.15 -10.51
C2 GLC C . -5.66 -12.72 -10.27
C3 GLC C . -5.37 -12.88 -8.84
C4 GLC C . -6.25 -11.94 -8.09
C5 GLC C . -7.69 -12.40 -8.23
C6 GLC C . -8.64 -11.42 -7.52
O2 GLC C . -4.70 -13.48 -11.13
O3 GLC C . -3.99 -12.51 -8.61
O4 GLC C . -5.84 -11.90 -6.73
O5 GLC C . -8.05 -12.50 -9.64
O6 GLC C . -10.00 -11.88 -7.57
C1 GLC C . -6.21 -12.98 -5.87
C2 GLC C . -6.24 -12.44 -4.45
C3 GLC C . -4.78 -11.99 -4.01
C4 GLC C . -3.77 -13.14 -4.24
C5 GLC C . -3.93 -13.62 -5.70
C6 GLC C . -2.99 -14.77 -6.00
O2 GLC C . -7.16 -11.33 -4.41
O3 GLC C . -4.82 -11.67 -2.61
O4 GLC C . -2.43 -12.64 -4.03
O5 GLC C . -5.25 -14.00 -5.94
O6 GLC C . -3.42 -15.89 -5.23
C1 GLC C . -1.84 -12.61 -2.66
C2 GLC C . -0.32 -12.71 -2.77
C3 GLC C . -0.05 -13.96 -3.45
C4 GLC C . -0.33 -15.07 -2.47
C5 GLC C . -1.84 -15.05 -2.20
C6 GLC C . -2.25 -16.04 -1.12
O2 GLC C . 0.22 -11.63 -3.42
O3 GLC C . 1.38 -14.00 -3.84
O4 GLC C . 0.06 -16.26 -3.11
O5 GLC C . -2.30 -13.69 -1.84
O6 GLC C . -1.36 -15.88 0.00
C1 GLC C . 0.75 -17.23 -2.35
C2 GLC C . 1.96 -17.71 -3.13
C3 GLC C . 1.56 -18.63 -4.31
C4 GLC C . 0.67 -19.75 -3.77
C5 GLC C . -0.55 -19.11 -3.12
C6 GLC C . -1.59 -20.12 -2.66
O2 GLC C . 2.73 -16.57 -3.62
O3 GLC C . 2.79 -19.20 -4.86
O4 GLC C . 0.30 -20.56 -4.88
O5 GLC C . -0.13 -18.30 -2.02
O6 GLC C . -0.94 -21.11 -1.83
C1 GLC C . 0.29 -21.99 -4.70
C2 GLC C . 0.79 -22.66 -6.00
C3 GLC C . -0.26 -22.50 -7.10
C4 GLC C . -1.57 -23.09 -6.63
C5 GLC C . -1.99 -22.25 -5.43
C6 GLC C . -3.40 -22.54 -4.94
O2 GLC C . 2.03 -22.08 -6.40
O3 GLC C . 0.21 -23.25 -8.26
O4 GLC C . -2.47 -22.97 -7.71
O5 GLC C . -1.05 -22.40 -4.38
O6 GLC C . -3.42 -23.78 -4.22
C1 GLC C . -3.11 -24.18 -8.15
C2 GLC C . -2.86 -24.36 -9.65
C3 GLC C . -3.45 -23.21 -10.37
C4 GLC C . -4.92 -23.25 -10.15
C5 GLC C . -5.15 -23.02 -8.66
C6 GLC C . -6.62 -22.92 -8.30
O2 GLC C . -1.43 -24.54 -9.99
O3 GLC C . -3.18 -23.36 -11.77
O4 GLC C . -5.50 -22.24 -10.90
O5 GLC C . -4.50 -24.05 -7.92
O6 GLC C . -7.01 -24.07 -7.54
C1 GLC C . -6.75 -22.55 -11.45
C2 GLC C . -6.79 -22.06 -12.88
C3 GLC C . -6.72 -20.48 -12.87
C4 GLC C . -7.84 -19.93 -12.02
C5 GLC C . -7.69 -20.52 -10.62
C6 GLC C . -8.75 -19.99 -9.66
O2 GLC C . -5.66 -22.64 -13.63
O3 GLC C . -6.89 -20.01 -14.24
O4 GLC C . -7.65 -18.55 -11.99
O5 GLC C . -7.75 -21.93 -10.68
O6 GLC C . -10.04 -20.16 -10.25
C1 GLC D . -29.21 12.72 18.28
C2 GLC D . -28.96 12.26 19.68
C3 GLC D . -30.12 12.68 20.47
C4 GLC D . -30.20 14.20 20.45
C5 GLC D . -30.29 14.70 19.00
C6 GLC D . -30.11 16.20 18.96
O2 GLC D . -28.82 10.85 19.69
O3 GLC D . -29.91 12.23 21.88
O4 GLC D . -31.33 14.56 21.16
O5 GLC D . -29.28 14.11 18.23
O6 GLC D . -28.77 16.49 19.42
C1 GLC D . -31.13 15.61 22.07
C2 GLC D . -31.54 15.13 23.45
C3 GLC D . -32.95 14.94 23.44
C4 GLC D . -33.60 16.27 23.22
C5 GLC D . -33.26 16.74 21.80
C6 GLC D . -33.84 18.11 21.51
O2 GLC D . -30.86 13.89 23.79
O3 GLC D . -33.35 14.41 24.73
O4 GLC D . -34.98 16.09 23.38
O5 GLC D . -31.84 16.77 21.63
O6 GLC D . -33.11 19.09 22.27
C1 GLC D . -35.59 16.85 24.42
C2 GLC D . -36.56 15.95 25.16
C3 GLC D . -37.55 15.43 24.14
C4 GLC D . -38.28 16.61 23.51
C5 GLC D . -37.25 17.57 22.90
C6 GLC D . -37.91 18.81 22.32
O2 GLC D . -35.83 14.86 25.77
O3 GLC D . -38.50 14.59 24.83
O4 GLC D . -39.08 16.06 22.53
O5 GLC D . -36.29 17.92 23.86
O6 GLC D . -38.46 19.60 23.40
C1 GLC D . -40.36 16.64 22.38
C2 GLC D . -41.39 15.52 22.41
C3 GLC D . -41.31 14.71 21.16
C4 GLC D . -41.53 15.62 19.94
C5 GLC D . -40.41 16.70 19.94
C6 GLC D . -40.57 17.69 18.79
O2 GLC D . -41.15 14.68 23.59
O3 GLC D . -42.35 13.72 21.21
O4 GLC D . -41.43 14.75 18.76
O5 GLC D . -40.43 17.42 21.18
O6 GLC D . -41.20 18.88 19.30
C1 GLC D . -42.62 14.65 17.90
C2 GLC D . -43.07 13.19 17.77
C3 GLC D . -42.02 12.37 17.14
C4 GLC D . -41.74 12.93 15.75
C5 GLC D . -41.38 14.43 15.82
C6 GLC D . -41.42 14.99 14.44
O2 GLC D . -43.49 12.62 19.03
O3 GLC D . -42.55 10.97 16.99
O4 GLC D . -40.65 12.17 15.18
O5 GLC D . -42.35 15.14 16.61
O6 GLC D . -42.77 14.96 13.92
C1 GLC D . -40.70 11.92 13.75
C2 GLC D . -40.70 10.42 13.50
C3 GLC D . -39.36 9.86 13.95
C4 GLC D . -38.25 10.51 13.13
C5 GLC D . -38.29 12.02 13.37
C6 GLC D . -37.31 12.73 12.47
O2 GLC D . -41.78 9.81 14.20
O3 GLC D . -39.36 8.40 13.69
O4 GLC D . -37.04 9.94 13.59
O5 GLC D . -39.59 12.54 13.09
O6 GLC D . -38.00 13.00 11.24
C1 GLC D . -36.29 9.19 12.65
C2 GLC D . -35.63 8.01 13.35
C3 GLC D . -34.70 8.48 14.39
C4 GLC D . -33.64 9.37 13.75
C5 GLC D . -34.33 10.53 13.01
C6 GLC D . -33.35 11.40 12.27
O2 GLC D . -36.58 7.16 13.89
O3 GLC D . -34.06 7.33 14.94
O4 GLC D . -32.85 9.87 14.82
O5 GLC D . -35.30 10.01 12.09
O6 GLC D . -34.06 12.50 11.67
C1 GLC D . -31.48 9.47 14.90
C2 GLC D . -31.19 8.95 16.30
C3 GLC D . -31.29 10.07 17.30
C4 GLC D . -30.34 11.15 16.90
C5 GLC D . -30.72 11.64 15.52
C6 GLC D . -29.85 12.79 15.05
O2 GLC D . -32.03 7.97 16.60
O3 GLC D . -30.90 9.56 18.56
O4 GLC D . -30.43 12.18 17.85
O5 GLC D . -30.65 10.57 14.61
O6 GLC D . -30.50 13.45 13.95
C1 GLC E . -29.99 -7.06 -1.15
C2 GLC E . -29.85 -5.65 -1.77
C3 GLC E . -28.99 -5.67 -3.00
C4 GLC E . -27.70 -6.38 -2.68
C5 GLC E . -28.07 -7.79 -2.31
C6 GLC E . -26.86 -8.72 -2.31
O2 GLC E . -31.15 -5.20 -2.11
O3 GLC E . -28.70 -4.33 -3.36
O4 GLC E . -26.94 -6.37 -3.83
O5 GLC E . -28.77 -7.79 -1.12
O6 GLC E . -26.74 -9.45 -1.11
C1 GLC E . -25.70 -5.76 -3.72
C2 GLC E . -25.44 -4.98 -4.99
C3 GLC E . -25.44 -5.94 -6.16
C4 GLC E . -24.38 -7.02 -5.93
C5 GLC E . -24.66 -7.72 -4.59
C6 GLC E . -23.60 -8.78 -4.26
O2 GLC E . -26.45 -4.01 -5.14
O3 GLC E . -25.10 -5.19 -7.35
O4 GLC E . -24.52 -7.94 -7.01
O5 GLC E . -24.72 -6.76 -3.56
O6 GLC E . -22.56 -8.23 -3.43
C1 GLC E . -23.32 -8.49 -7.53
C2 GLC E . -23.22 -8.17 -9.02
C3 GLC E . -24.31 -8.83 -9.75
C4 GLC E . -24.19 -10.33 -9.55
C5 GLC E . -24.33 -10.60 -8.05
C6 GLC E . -24.23 -12.08 -7.73
O2 GLC E . -23.23 -6.75 -9.25
O3 GLC E . -24.13 -8.52 -11.17
O4 GLC E . -25.23 -10.97 -10.28
O5 GLC E . -23.33 -9.88 -7.34
O6 GLC E . -22.85 -12.45 -7.65
C1 GLC E . -24.86 -11.96 -11.26
C2 GLC E . -25.67 -11.73 -12.53
C3 GLC E . -27.11 -11.87 -12.17
C4 GLC E . -27.37 -13.30 -11.72
C5 GLC E . -26.52 -13.54 -10.48
C6 GLC E . -26.69 -14.94 -9.92
O2 GLC E . -25.40 -10.41 -13.07
O3 GLC E . -27.90 -11.58 -13.35
O4 GLC E . -28.75 -13.41 -11.42
O5 GLC E . -25.14 -13.27 -10.76
O6 GLC E . -27.16 -15.80 -11.00
C1 GLC E . -29.48 -14.41 -12.13
C2 GLC E . -30.73 -13.77 -12.69
C3 GLC E . -31.59 -13.36 -11.58
C4 GLC E . -32.02 -14.60 -10.81
C5 GLC E . -30.76 -15.25 -10.22
C6 GLC E . -31.09 -16.55 -9.50
O2 GLC E . -30.38 -12.64 -13.52
O3 GLC E . -32.73 -12.73 -12.11
O4 GLC E . -32.92 -14.17 -9.79
O5 GLC E . -29.82 -15.52 -11.26
O6 GLC E . -30.87 -17.65 -10.42
C1 GLC E . -34.26 -14.76 -9.80
C2 GLC E . -35.29 -13.65 -9.88
C3 GLC E . -35.09 -12.78 -8.75
C4 GLC E . -35.40 -13.55 -7.50
C5 GLC E . -34.45 -14.74 -7.39
C6 GLC E . -34.80 -15.65 -6.23
O2 GLC E . -35.20 -12.96 -11.06
O3 GLC E . -36.02 -11.64 -8.88
O4 GLC E . -35.24 -12.67 -6.44
O5 GLC E . -34.46 -15.50 -8.60
O6 GLC E . -36.17 -16.09 -6.38
C1 GLC E . -36.23 -12.70 -5.49
C2 GLC E . -36.75 -11.30 -5.29
C3 GLC E . -35.72 -10.42 -4.58
C4 GLC E . -35.18 -11.14 -3.35
C5 GLC E . -34.71 -12.53 -3.73
C6 GLC E . -34.15 -13.31 -2.53
O2 GLC E . -37.07 -10.76 -6.56
O3 GLC E . -36.40 -9.21 -4.15
O4 GLC E . -34.13 -10.36 -2.91
O5 GLC E . -35.74 -13.25 -4.30
O6 GLC E . -35.11 -13.30 -1.45
C1 GLC E . -33.98 -10.30 -1.52
C2 GLC E . -34.21 -8.87 -1.08
C3 GLC E . -33.17 -8.03 -1.70
C4 GLC E . -31.80 -8.54 -1.27
C5 GLC E . -31.66 -9.98 -1.71
C6 GLC E . -30.33 -10.60 -1.31
O2 GLC E . -35.52 -8.46 -1.52
O3 GLC E . -33.33 -6.67 -1.23
O4 GLC E . -30.87 -7.76 -1.93
O5 GLC E . -32.70 -10.74 -1.18
O6 GLC E . -30.54 -11.99 -1.06
CA CA F . 20.32 -19.42 2.66
CA CA G . -10.76 -14.06 4.85
CA CA H . -6.44 14.72 -0.24
C1 MPD I . 26.67 -16.68 -9.03
C2 MPD I . 25.18 -16.82 -8.70
O2 MPD I . 25.15 -17.73 -7.56
CM MPD I . 24.43 -17.49 -9.85
C3 MPD I . 24.51 -15.55 -8.32
C4 MPD I . 23.59 -14.81 -9.31
O4 MPD I . 22.23 -14.91 -8.85
C5 MPD I . 23.87 -13.44 -9.64
#